data_8DSR
#
_entry.id   8DSR
#
_cell.length_a   54.710
_cell.length_b   61.430
_cell.length_c   143.980
_cell.angle_alpha   90.000
_cell.angle_beta   90.769
_cell.angle_gamma   90.000
#
_symmetry.space_group_name_H-M   'P 1 21 1'
#
loop_
_entity.id
_entity.type
_entity.pdbx_description
1 polymer 'Plasmepsin X'
2 non-polymer (2E,6S)-6-{2-chloro-3-[(2-cyclopropylpyrimidin-5-yl)amino]phenyl}-2-imino-6-methyl-3-[(2S,4S)-2-methyloxan-4-yl]-1,3-diazinan-4-one
#
_entity_poly.entity_id   1
_entity_poly.type   'polypeptide(L)'
_entity_poly.pdbx_seq_one_letter_code
;YKIGTKALPCSECHDVFDCTGCLFEEKESSHVIPLKLNKKNPNDHKKLQKHHESLKLGDVKYYVNRGEGISGSLGTSSGN
TLDDMDLINEEINKKRTNAQNATVEQTKENIFLVPLKHLRDSQFVGELLVGTPPQTVYPIFDTGSTNVWVVTTACEEESC
KKVRRYDPNKSKTFRRSFIEKNLHIVFGSGSISGSVGTDTFMLGKHLVRNQTFGLVESESNNNKNGGDNIFDYISFEGIV
GLGFPGMLSAGNIPFFDNLLKQNPNVDPQFSFYISPYDGKSTLIIGGISKSFYEGDIYMLPVLKESYWEVKLDELYIGKE
RICCDEESYVIFDTGTSYNTMPSSQMKTFLNLIHSTACTEQNYKDILKSYPIIKYVFGELIIELHPEEYMILNDDVCMPA
YMQIDVPSERNHAYLLGSLSFMRNFFTVFVRGTESRPSMVGVARAKSKNENLYFQGSHHHHHHHH
;
_entity_poly.pdbx_strand_id   A,B
#
loop_
_chem_comp.id
_chem_comp.type
_chem_comp.name
_chem_comp.formula
TWU non-polymer (2E,6S)-6-{2-chloro-3-[(2-cyclopropylpyrimidin-5-yl)amino]phenyl}-2-imino-6-methyl-3-[(2S,4S)-2-methyloxan-4-yl]-1,3-diazinan-4-one 'C24 H29 Cl N6 O2'
#
# COMPACT_ATOMS: atom_id res chain seq x y z
N LYS A 108 0.79 -22.07 -14.19
CA LYS A 108 1.53 -22.13 -12.94
C LYS A 108 2.90 -22.77 -13.14
N GLU A 109 3.89 -21.94 -13.42
CA GLU A 109 5.26 -22.38 -13.65
C GLU A 109 6.09 -22.05 -12.40
N ASN A 110 6.44 -23.09 -11.62
CA ASN A 110 7.21 -22.85 -10.41
C ASN A 110 8.61 -22.35 -10.72
N ILE A 111 9.22 -22.86 -11.78
CA ILE A 111 10.47 -22.33 -12.31
C ILE A 111 10.15 -21.63 -13.61
N PHE A 112 10.46 -20.34 -13.69
CA PHE A 112 10.11 -19.53 -14.84
C PHE A 112 11.25 -18.60 -15.19
N LEU A 113 11.25 -18.15 -16.45
CA LEU A 113 12.35 -17.37 -17.01
C LEU A 113 11.84 -16.00 -17.44
N VAL A 114 12.58 -14.97 -17.07
CA VAL A 114 12.34 -13.61 -17.53
C VAL A 114 13.50 -13.21 -18.42
N PRO A 115 13.32 -13.13 -19.74
CA PRO A 115 14.45 -12.80 -20.62
C PRO A 115 14.95 -11.39 -20.38
N LEU A 116 16.26 -11.25 -20.35
CA LEU A 116 16.92 -9.97 -20.13
C LEU A 116 17.55 -9.51 -21.43
N LYS A 117 17.36 -8.24 -21.76
CA LYS A 117 17.93 -7.65 -22.96
C LYS A 117 18.97 -6.64 -22.53
N HIS A 118 20.20 -6.83 -22.97
CA HIS A 118 21.25 -5.85 -22.71
C HIS A 118 21.03 -4.64 -23.58
N LEU A 119 20.84 -3.48 -22.97
CA LEU A 119 20.63 -2.29 -23.75
C LEU A 119 21.98 -1.81 -24.29
N ARG A 120 21.93 -0.74 -25.09
CA ARG A 120 23.13 -0.21 -25.71
C ARG A 120 24.20 0.15 -24.70
N ASP A 121 23.82 0.40 -23.45
CA ASP A 121 24.77 0.87 -22.45
C ASP A 121 25.28 -0.29 -21.59
N SER A 122 25.05 -0.23 -20.28
CA SER A 122 25.64 -1.18 -19.33
C SER A 122 24.62 -1.67 -18.31
N GLN A 123 23.40 -1.97 -18.76
CA GLN A 123 22.37 -2.47 -17.87
C GLN A 123 21.54 -3.51 -18.59
N PHE A 124 20.95 -4.41 -17.80
CA PHE A 124 20.10 -5.48 -18.32
C PHE A 124 18.67 -5.22 -17.87
N VAL A 125 17.74 -5.23 -18.82
CA VAL A 125 16.34 -4.91 -18.53
C VAL A 125 15.47 -6.09 -18.94
N GLY A 126 14.31 -6.21 -18.27
CA GLY A 126 13.37 -7.27 -18.57
C GLY A 126 11.94 -6.74 -18.60
N GLU A 127 11.03 -7.60 -19.02
CA GLU A 127 9.65 -7.22 -19.20
C GLU A 127 8.91 -7.25 -17.87
N LEU A 128 8.24 -6.16 -17.53
CA LEU A 128 7.43 -6.08 -16.32
C LEU A 128 6.11 -5.42 -16.67
N LEU A 129 5.01 -6.06 -16.28
CA LEU A 129 3.68 -5.52 -16.48
C LEU A 129 3.21 -4.84 -15.20
N VAL A 130 2.66 -3.64 -15.34
CA VAL A 130 2.24 -2.84 -14.18
C VAL A 130 0.79 -2.43 -14.39
N GLY A 131 -0.08 -2.88 -13.48
CA GLY A 131 -1.46 -2.42 -13.43
C GLY A 131 -2.43 -3.35 -14.14
N THR A 132 -3.69 -2.91 -14.17
CA THR A 132 -4.79 -3.58 -14.85
C THR A 132 -5.71 -2.55 -15.51
N PRO A 133 -5.83 -2.55 -16.85
CA PRO A 133 -5.16 -3.42 -17.82
C PRO A 133 -3.65 -3.20 -17.83
N PRO A 134 -2.88 -4.27 -18.10
CA PRO A 134 -1.43 -4.19 -17.91
C PRO A 134 -0.78 -3.18 -18.85
N GLN A 135 0.22 -2.47 -18.32
CA GLN A 135 1.06 -1.55 -19.08
C GLN A 135 2.50 -2.04 -18.99
N THR A 136 3.18 -2.10 -20.13
CA THR A 136 4.50 -2.71 -20.20
C THR A 136 5.60 -1.69 -19.90
N VAL A 137 6.54 -2.09 -19.04
CA VAL A 137 7.76 -1.32 -18.80
C VAL A 137 8.93 -2.29 -18.81
N TYR A 138 10.12 -1.75 -19.10
CA TYR A 138 11.36 -2.53 -19.16
C TYR A 138 12.35 -1.94 -18.17
N PRO A 139 12.24 -2.31 -16.90
CA PRO A 139 13.12 -1.75 -15.88
C PRO A 139 14.42 -2.52 -15.73
N ILE A 140 15.38 -1.87 -15.09
CA ILE A 140 16.61 -2.52 -14.69
C ILE A 140 16.31 -3.49 -13.55
N PHE A 141 16.80 -4.72 -13.67
CA PHE A 141 16.66 -5.69 -12.60
C PHE A 141 17.92 -5.62 -11.74
N ASP A 142 17.78 -5.04 -10.55
CA ASP A 142 18.88 -4.59 -9.73
C ASP A 142 18.97 -5.40 -8.45
N THR A 143 20.15 -5.91 -8.13
CA THR A 143 20.38 -6.58 -6.85
C THR A 143 21.22 -5.73 -5.91
N GLY A 144 21.43 -4.46 -6.23
CA GLY A 144 22.15 -3.57 -5.35
C GLY A 144 21.22 -2.57 -4.69
N SER A 145 19.92 -2.72 -4.94
CA SER A 145 18.89 -1.92 -4.29
C SER A 145 17.65 -2.80 -4.12
N THR A 146 16.67 -2.28 -3.40
CA THR A 146 15.47 -3.05 -3.09
C THR A 146 14.17 -2.41 -3.57
N ASN A 147 14.10 -1.08 -3.66
CA ASN A 147 12.86 -0.43 -4.06
C ASN A 147 12.55 -0.68 -5.52
N VAL A 148 11.25 -0.60 -5.85
CA VAL A 148 10.78 -0.69 -7.22
C VAL A 148 10.38 0.71 -7.66
N TRP A 149 10.98 1.17 -8.76
CA TRP A 149 10.65 2.44 -9.38
C TRP A 149 10.05 2.19 -10.76
N VAL A 150 9.10 3.03 -11.15
CA VAL A 150 8.51 2.95 -12.48
C VAL A 150 8.38 4.38 -13.01
N VAL A 151 8.76 4.58 -14.27
CA VAL A 151 8.68 5.91 -14.88
C VAL A 151 7.24 6.15 -15.32
N THR A 152 6.68 7.27 -14.86
CA THR A 152 5.27 7.55 -15.11
C THR A 152 5.11 8.70 -16.10
N THR A 153 3.86 8.90 -16.50
CA THR A 153 3.50 9.96 -17.44
C THR A 153 3.46 11.34 -16.78
N ALA A 154 3.45 11.41 -15.45
CA ALA A 154 3.55 12.69 -14.77
C ALA A 154 4.87 13.38 -15.06
N CYS A 155 5.88 12.61 -15.45
CA CYS A 155 7.16 13.15 -15.89
C CYS A 155 7.06 13.51 -17.37
N GLU A 156 7.06 14.81 -17.67
CA GLU A 156 6.89 15.32 -19.04
C GLU A 156 8.22 15.72 -19.68
N GLU A 157 9.33 15.39 -19.05
CA GLU A 157 10.64 15.71 -19.61
C GLU A 157 10.99 14.78 -20.77
N GLU A 158 11.82 15.28 -21.68
CA GLU A 158 12.20 14.49 -22.85
C GLU A 158 12.96 13.25 -22.43
N SER A 159 13.67 13.30 -21.31
CA SER A 159 14.33 12.10 -20.79
C SER A 159 13.32 11.01 -20.46
N CYS A 160 12.13 11.41 -20.00
CA CYS A 160 11.06 10.45 -19.72
C CYS A 160 10.30 10.04 -20.96
N LYS A 161 10.20 10.94 -21.94
CA LYS A 161 9.64 10.58 -23.24
C LYS A 161 10.62 9.71 -24.02
N LYS A 162 10.17 9.21 -25.16
CA LYS A 162 10.89 8.22 -25.97
C LYS A 162 11.14 6.94 -25.19
N VAL A 163 10.35 6.71 -24.15
CA VAL A 163 10.46 5.51 -23.32
C VAL A 163 9.06 5.18 -22.80
N ARG A 164 8.74 3.89 -22.74
CA ARG A 164 7.44 3.43 -22.27
C ARG A 164 7.14 4.00 -20.89
N ARG A 165 6.09 4.81 -20.81
CA ARG A 165 5.70 5.45 -19.57
C ARG A 165 4.43 4.83 -19.02
N TYR A 166 4.38 4.63 -17.71
CA TYR A 166 3.24 4.03 -17.03
C TYR A 166 2.27 5.11 -16.58
N ASP A 167 0.99 4.95 -16.93
CA ASP A 167 -0.02 5.93 -16.57
C ASP A 167 -0.89 5.37 -15.45
N PRO A 168 -0.80 5.89 -14.23
CA PRO A 168 -1.61 5.33 -13.14
C PRO A 168 -3.09 5.61 -13.29
N ASN A 169 -3.45 6.70 -13.97
CA ASN A 169 -4.85 7.05 -14.20
C ASN A 169 -5.56 6.06 -15.10
N LYS A 170 -4.84 5.14 -15.73
CA LYS A 170 -5.43 4.11 -16.58
C LYS A 170 -5.45 2.75 -15.90
N SER A 171 -5.02 2.66 -14.64
CA SER A 171 -5.01 1.41 -13.90
C SER A 171 -6.18 1.38 -12.93
N LYS A 172 -7.02 0.35 -13.03
CA LYS A 172 -8.15 0.19 -12.13
C LYS A 172 -7.74 -0.24 -10.74
N THR A 173 -6.54 -0.81 -10.59
CA THR A 173 -6.07 -1.30 -9.30
C THR A 173 -5.09 -0.37 -8.62
N PHE A 174 -4.82 0.80 -9.18
CA PHE A 174 -3.90 1.74 -8.56
C PHE A 174 -4.57 2.47 -7.41
N ARG A 175 -3.95 2.44 -6.23
CA ARG A 175 -4.42 3.17 -5.06
C ARG A 175 -3.31 4.06 -4.49
N ARG A 176 -3.66 5.30 -4.21
CA ARG A 176 -2.78 6.27 -3.57
C ARG A 176 -3.21 6.51 -2.12
N SER A 177 -2.26 6.92 -1.29
CA SER A 177 -2.48 7.16 0.12
C SER A 177 -2.33 8.65 0.43
N PHE A 178 -2.84 9.06 1.59
CA PHE A 178 -2.77 10.46 1.99
C PHE A 178 -1.46 10.84 2.69
N ILE A 179 -0.65 9.86 3.08
CA ILE A 179 0.65 10.16 3.68
C ILE A 179 1.59 10.68 2.60
N GLU A 180 2.12 11.89 2.79
CA GLU A 180 2.99 12.54 1.79
C GLU A 180 4.43 12.03 1.93
N LYS A 181 4.62 10.76 1.57
CA LYS A 181 5.93 10.12 1.58
C LYS A 181 6.57 10.30 0.21
N ASN A 182 7.45 11.29 0.06
CA ASN A 182 8.14 11.53 -1.20
C ASN A 182 9.51 10.85 -1.21
N LEU A 183 9.82 10.15 -2.29
CA LEU A 183 11.06 9.39 -2.42
C LEU A 183 12.05 10.11 -3.33
N HIS A 184 13.32 10.07 -2.96
CA HIS A 184 14.40 10.64 -3.79
C HIS A 184 15.65 9.80 -3.64
N ILE A 185 16.15 9.27 -4.76
CA ILE A 185 17.36 8.45 -4.78
C ILE A 185 18.33 9.03 -5.79
N VAL A 186 19.62 9.01 -5.44
CA VAL A 186 20.67 9.43 -6.37
C VAL A 186 20.93 8.30 -7.37
N PHE A 187 21.08 8.67 -8.64
CA PHE A 187 21.24 7.70 -9.73
C PHE A 187 22.39 8.15 -10.64
N GLY A 188 23.62 7.98 -10.16
CA GLY A 188 24.79 8.41 -10.90
C GLY A 188 24.88 9.92 -11.02
N SER A 189 24.96 10.41 -12.26
CA SER A 189 24.99 11.86 -12.47
C SER A 189 23.63 12.49 -12.23
N GLY A 190 22.55 11.78 -12.53
CA GLY A 190 21.21 12.26 -12.28
C GLY A 190 20.63 11.75 -10.96
N SER A 191 19.38 12.12 -10.72
CA SER A 191 18.65 11.71 -9.53
C SER A 191 17.18 11.55 -9.88
N ILE A 192 16.51 10.66 -9.15
CA ILE A 192 15.10 10.35 -9.37
C ILE A 192 14.29 10.83 -8.16
N SER A 193 13.19 11.52 -8.44
CA SER A 193 12.28 12.00 -7.41
C SER A 193 10.86 11.58 -7.78
N GLY A 194 10.10 11.12 -6.79
CA GLY A 194 8.75 10.72 -7.10
C GLY A 194 7.91 10.49 -5.86
N SER A 195 6.65 10.14 -6.11
CA SER A 195 5.69 9.82 -5.07
C SER A 195 5.57 8.30 -4.92
N VAL A 196 4.76 7.87 -3.97
CA VAL A 196 4.58 6.46 -3.65
C VAL A 196 3.14 6.06 -3.96
N GLY A 197 2.95 4.81 -4.36
CA GLY A 197 1.63 4.27 -4.64
C GLY A 197 1.69 2.75 -4.63
N THR A 198 0.54 2.14 -4.91
CA THR A 198 0.43 0.69 -4.96
C THR A 198 -0.34 0.28 -6.21
N ASP A 199 0.08 -0.82 -6.83
CA ASP A 199 -0.65 -1.39 -7.95
C ASP A 199 -0.27 -2.86 -8.09
N THR A 200 -0.86 -3.53 -9.08
CA THR A 200 -0.63 -4.94 -9.32
C THR A 200 0.44 -5.12 -10.40
N PHE A 201 1.37 -6.02 -10.14
CA PHE A 201 2.49 -6.30 -11.03
C PHE A 201 2.41 -7.73 -11.53
N MET A 202 3.06 -7.98 -12.67
CA MET A 202 3.15 -9.32 -13.24
C MET A 202 4.55 -9.50 -13.83
N LEU A 203 5.29 -10.48 -13.29
CA LEU A 203 6.65 -10.78 -13.70
C LEU A 203 6.72 -12.25 -14.09
N GLY A 204 6.78 -12.51 -15.39
CA GLY A 204 6.86 -13.87 -15.89
C GLY A 204 5.63 -14.69 -15.55
N LYS A 205 4.46 -14.18 -15.94
CA LYS A 205 3.16 -14.84 -15.74
C LYS A 205 2.86 -15.11 -14.27
N HIS A 206 3.43 -14.34 -13.35
CA HIS A 206 3.19 -14.49 -11.92
C HIS A 206 2.66 -13.18 -11.36
N LEU A 207 1.52 -13.25 -10.68
CA LEU A 207 0.83 -12.05 -10.21
C LEU A 207 1.41 -11.59 -8.88
N VAL A 208 1.51 -10.27 -8.73
CA VAL A 208 1.94 -9.66 -7.47
C VAL A 208 1.01 -8.50 -7.16
N ARG A 209 0.03 -8.74 -6.28
CA ARG A 209 -1.01 -7.75 -6.00
C ARG A 209 -0.61 -6.87 -4.83
N ASN A 210 -1.18 -5.65 -4.81
CA ASN A 210 -1.07 -4.73 -3.69
C ASN A 210 0.39 -4.48 -3.30
N GLN A 211 1.20 -4.13 -4.30
CA GLN A 211 2.64 -3.95 -4.14
C GLN A 211 2.98 -2.46 -4.17
N THR A 212 3.79 -2.02 -3.21
CA THR A 212 4.22 -0.63 -3.17
C THR A 212 5.42 -0.40 -4.10
N PHE A 213 5.39 0.71 -4.82
CA PHE A 213 6.46 1.07 -5.75
C PHE A 213 6.53 2.59 -5.87
N GLY A 214 7.68 3.07 -6.32
CA GLY A 214 7.87 4.50 -6.54
C GLY A 214 7.49 4.91 -7.95
N LEU A 215 6.89 6.09 -8.05
CA LEU A 215 6.42 6.65 -9.30
C LEU A 215 7.34 7.80 -9.69
N VAL A 216 8.19 7.59 -10.69
CA VAL A 216 9.13 8.61 -11.12
C VAL A 216 8.34 9.78 -11.69
N GLU A 217 8.41 10.93 -11.01
CA GLU A 217 7.72 12.13 -11.47
C GLU A 217 8.67 13.21 -12.00
N SER A 218 9.96 13.16 -11.67
CA SER A 218 10.92 14.14 -12.13
C SER A 218 12.26 13.46 -12.34
N GLU A 219 12.89 13.73 -13.48
CA GLU A 219 14.22 13.23 -13.81
C GLU A 219 15.16 14.42 -13.94
N SER A 220 16.13 14.52 -13.04
CA SER A 220 17.05 15.65 -12.96
C SER A 220 18.44 15.25 -13.45
N ASN A 221 19.20 16.25 -13.90
CA ASN A 221 20.57 16.03 -14.34
C ASN A 221 21.55 16.94 -13.59
N ASN A 229 21.69 14.02 -18.75
CA ASN A 229 21.36 13.34 -19.99
C ASN A 229 21.56 11.83 -19.88
N ILE A 230 21.82 11.37 -18.66
CA ILE A 230 22.03 9.93 -18.44
C ILE A 230 20.75 9.15 -18.72
N PHE A 231 19.59 9.72 -18.36
CA PHE A 231 18.32 9.02 -18.56
C PHE A 231 17.97 8.92 -20.04
N ASP A 232 18.36 9.90 -20.84
CA ASP A 232 18.08 9.85 -22.28
C ASP A 232 18.95 8.80 -22.96
N TYR A 233 20.16 8.56 -22.46
CA TYR A 233 21.06 7.62 -23.11
C TYR A 233 20.65 6.17 -22.85
N ILE A 234 20.27 5.84 -21.61
CA ILE A 234 20.06 4.45 -21.22
C ILE A 234 18.61 4.00 -21.40
N SER A 235 17.71 4.89 -21.81
CA SER A 235 16.28 4.58 -21.95
C SER A 235 15.70 4.05 -20.64
N PHE A 236 15.80 4.89 -19.60
CA PHE A 236 15.40 4.49 -18.26
C PHE A 236 13.88 4.36 -18.17
N GLU A 237 13.41 3.18 -17.77
CA GLU A 237 11.99 2.94 -17.59
C GLU A 237 11.62 2.47 -16.19
N GLY A 238 12.58 2.26 -15.31
CA GLY A 238 12.30 1.89 -13.94
C GLY A 238 13.40 1.02 -13.36
N ILE A 239 13.22 0.66 -12.09
CA ILE A 239 14.11 -0.24 -11.39
C ILE A 239 13.28 -1.28 -10.64
N VAL A 240 13.75 -2.53 -10.65
CA VAL A 240 13.17 -3.59 -9.83
C VAL A 240 14.28 -4.08 -8.92
N GLY A 241 14.27 -3.60 -7.68
CA GLY A 241 15.30 -3.99 -6.73
C GLY A 241 15.11 -5.41 -6.24
N LEU A 242 16.21 -6.14 -6.08
CA LEU A 242 16.16 -7.51 -5.61
C LEU A 242 17.03 -7.71 -4.37
N GLY A 243 17.36 -6.63 -3.66
CA GLY A 243 18.11 -6.75 -2.44
C GLY A 243 17.26 -7.17 -1.26
N PHE A 244 17.89 -7.22 -0.10
CA PHE A 244 17.20 -7.64 1.11
C PHE A 244 16.37 -6.49 1.66
N PRO A 245 15.29 -6.79 2.40
CA PRO A 245 14.59 -5.73 3.11
C PRO A 245 15.54 -5.02 4.08
N GLY A 246 15.31 -3.72 4.24
CA GLY A 246 16.25 -2.85 4.93
C GLY A 246 16.79 -1.74 4.07
N MET A 247 16.83 -1.95 2.76
CA MET A 247 17.03 -0.88 1.80
C MET A 247 15.72 -0.41 1.21
N LEU A 248 14.59 -0.92 1.70
CA LEU A 248 13.27 -0.52 1.23
C LEU A 248 12.94 0.85 1.82
N SER A 249 12.84 1.86 0.95
CA SER A 249 12.58 3.21 1.42
C SER A 249 11.12 3.42 1.76
N ALA A 250 10.22 2.68 1.13
CA ALA A 250 8.79 2.83 1.34
C ALA A 250 8.09 1.51 1.06
N GLY A 251 7.01 1.26 1.77
CA GLY A 251 6.25 0.05 1.58
C GLY A 251 6.52 -0.96 2.69
N ASN A 252 5.56 -1.86 2.88
CA ASN A 252 5.70 -2.87 3.93
C ASN A 252 6.54 -4.06 3.49
N ILE A 253 6.42 -4.47 2.23
CA ILE A 253 7.12 -5.68 1.78
C ILE A 253 7.81 -5.43 0.45
N PRO A 254 9.04 -5.90 0.26
CA PRO A 254 9.70 -5.76 -1.04
C PRO A 254 9.00 -6.58 -2.12
N PHE A 255 9.33 -6.24 -3.37
CA PHE A 255 8.67 -6.87 -4.52
C PHE A 255 8.90 -8.38 -4.52
N PHE A 256 10.17 -8.81 -4.47
CA PHE A 256 10.45 -10.23 -4.56
C PHE A 256 9.88 -10.98 -3.36
N ASP A 257 9.92 -10.37 -2.18
CA ASP A 257 9.32 -11.01 -1.00
C ASP A 257 7.81 -11.18 -1.19
N ASN A 258 7.15 -10.17 -1.77
CA ASN A 258 5.72 -10.23 -2.00
C ASN A 258 5.36 -11.27 -3.06
N LEU A 259 6.21 -11.44 -4.08
CA LEU A 259 5.95 -12.44 -5.11
C LEU A 259 5.98 -13.85 -4.52
N LEU A 260 6.98 -14.14 -3.70
CA LEU A 260 7.05 -15.44 -3.05
C LEU A 260 5.87 -15.66 -2.11
N LYS A 261 5.37 -14.60 -1.49
CA LYS A 261 4.23 -14.74 -0.59
C LYS A 261 2.98 -15.10 -1.35
N GLN A 262 2.72 -14.41 -2.47
CA GLN A 262 1.52 -14.67 -3.26
C GLN A 262 1.67 -15.86 -4.18
N ASN A 263 2.90 -16.33 -4.43
CA ASN A 263 3.16 -17.54 -5.20
C ASN A 263 3.94 -18.49 -4.30
N PRO A 264 3.26 -19.24 -3.44
CA PRO A 264 3.98 -20.06 -2.46
C PRO A 264 4.80 -21.18 -3.10
N ASN A 265 4.36 -21.72 -4.25
CA ASN A 265 5.06 -22.83 -4.85
C ASN A 265 6.45 -22.44 -5.34
N VAL A 266 6.66 -21.17 -5.69
CA VAL A 266 7.96 -20.72 -6.18
C VAL A 266 8.98 -20.82 -5.05
N ASP A 267 10.13 -21.41 -5.36
CA ASP A 267 11.20 -21.51 -4.38
C ASP A 267 11.91 -20.16 -4.26
N PRO A 268 12.21 -19.71 -3.04
CA PRO A 268 12.82 -18.39 -2.87
C PRO A 268 14.24 -18.29 -3.38
N GLN A 269 14.43 -18.28 -4.70
CA GLN A 269 15.74 -18.08 -5.28
C GLN A 269 15.61 -17.61 -6.72
N PHE A 270 16.59 -16.82 -7.16
CA PHE A 270 16.71 -16.39 -8.55
C PHE A 270 18.19 -16.37 -8.93
N SER A 271 18.47 -16.64 -10.20
CA SER A 271 19.84 -16.60 -10.74
C SER A 271 19.89 -15.79 -12.02
N PHE A 272 21.07 -15.22 -12.28
CA PHE A 272 21.32 -14.40 -13.45
C PHE A 272 22.26 -15.13 -14.40
N TYR A 273 21.85 -15.26 -15.66
CA TYR A 273 22.71 -15.75 -16.73
C TYR A 273 22.94 -14.57 -17.67
N ILE A 274 24.13 -13.98 -17.60
CA ILE A 274 24.45 -12.77 -18.34
C ILE A 274 25.19 -13.17 -19.62
N SER A 275 24.67 -12.70 -20.76
CA SER A 275 25.25 -13.01 -22.07
C SER A 275 24.97 -11.84 -23.00
N PRO A 276 25.72 -10.74 -22.86
CA PRO A 276 25.41 -9.54 -23.65
C PRO A 276 25.85 -9.62 -25.10
N TYR A 277 26.81 -10.47 -25.43
CA TYR A 277 27.34 -10.53 -26.79
C TYR A 277 26.29 -11.06 -27.76
N ASP A 278 25.51 -12.06 -27.35
CA ASP A 278 24.57 -12.72 -28.24
C ASP A 278 23.12 -12.42 -27.93
N GLY A 279 22.83 -11.63 -26.90
CA GLY A 279 21.46 -11.32 -26.61
C GLY A 279 20.66 -12.47 -26.03
N LYS A 280 21.33 -13.44 -25.41
CA LYS A 280 20.67 -14.57 -24.76
C LYS A 280 20.74 -14.48 -23.24
N SER A 281 20.87 -13.27 -22.70
CA SER A 281 20.83 -13.11 -21.26
C SER A 281 19.42 -13.40 -20.75
N THR A 282 19.36 -13.95 -19.53
CA THR A 282 18.07 -14.31 -18.96
C THR A 282 18.16 -14.32 -17.44
N LEU A 283 17.02 -14.05 -16.80
CA LEU A 283 16.84 -14.14 -15.36
C LEU A 283 15.93 -15.31 -15.06
N ILE A 284 16.46 -16.32 -14.37
CA ILE A 284 15.70 -17.50 -14.00
C ILE A 284 15.32 -17.38 -12.53
N ILE A 285 14.03 -17.53 -12.24
CA ILE A 285 13.48 -17.35 -10.90
C ILE A 285 12.89 -18.67 -10.42
N GLY A 286 13.29 -19.10 -9.23
CA GLY A 286 12.76 -20.30 -8.62
C GLY A 286 13.72 -21.47 -8.60
N GLY A 287 14.74 -21.47 -9.44
CA GLY A 287 15.69 -22.55 -9.47
C GLY A 287 16.89 -22.26 -10.36
N ILE A 288 17.52 -23.32 -10.86
CA ILE A 288 18.68 -23.20 -11.73
C ILE A 288 18.55 -24.22 -12.87
N SER A 289 19.29 -23.98 -13.95
CA SER A 289 19.31 -24.87 -15.09
C SER A 289 20.75 -25.14 -15.49
N LYS A 290 21.04 -26.41 -15.79
CA LYS A 290 22.38 -26.81 -16.20
C LYS A 290 22.80 -26.23 -17.55
N SER A 291 21.86 -25.67 -18.31
CA SER A 291 22.17 -25.05 -19.59
C SER A 291 22.63 -23.61 -19.46
N PHE A 292 22.88 -23.15 -18.23
CA PHE A 292 23.42 -21.82 -17.97
C PHE A 292 24.75 -21.84 -17.25
N TYR A 293 25.19 -23.01 -16.76
CA TYR A 293 26.44 -23.10 -16.02
C TYR A 293 27.05 -24.46 -16.28
N GLU A 294 28.33 -24.59 -15.94
CA GLU A 294 29.02 -25.87 -16.05
C GLU A 294 29.74 -26.16 -14.75
N GLY A 295 29.95 -27.45 -14.49
CA GLY A 295 30.59 -27.88 -13.26
C GLY A 295 29.61 -27.90 -12.11
N ASP A 296 30.06 -27.50 -10.93
CA ASP A 296 29.23 -27.50 -9.73
C ASP A 296 29.29 -26.14 -9.05
N ILE A 297 28.17 -25.77 -8.43
CA ILE A 297 28.00 -24.45 -7.83
C ILE A 297 28.60 -24.46 -6.43
N TYR A 298 29.42 -23.44 -6.13
CA TYR A 298 29.97 -23.26 -4.79
C TYR A 298 29.19 -22.17 -4.08
N MET A 299 28.60 -22.51 -2.95
CA MET A 299 27.75 -21.58 -2.21
C MET A 299 28.58 -20.78 -1.20
N LEU A 300 28.24 -19.51 -1.05
CA LEU A 300 28.90 -18.64 -0.11
C LEU A 300 27.86 -18.05 0.84
N PRO A 301 28.09 -18.08 2.15
CA PRO A 301 27.11 -17.52 3.08
C PRO A 301 27.09 -16.00 3.01
N VAL A 302 25.89 -15.43 3.15
CA VAL A 302 25.70 -13.99 3.11
C VAL A 302 25.91 -13.43 4.51
N LEU A 303 26.89 -12.53 4.65
CA LEU A 303 27.29 -12.06 5.98
C LEU A 303 26.24 -11.15 6.59
N LYS A 304 25.88 -10.08 5.88
CA LYS A 304 24.89 -9.12 6.36
C LYS A 304 23.79 -9.01 5.32
N GLU A 305 22.54 -9.04 5.78
CA GLU A 305 21.38 -9.05 4.88
C GLU A 305 20.91 -7.62 4.58
N SER A 306 21.79 -6.87 3.91
CA SER A 306 21.43 -5.60 3.29
C SER A 306 21.63 -5.74 1.79
N TYR A 307 22.88 -5.69 1.34
CA TYR A 307 23.21 -6.11 -0.01
C TYR A 307 23.37 -7.63 -0.02
N TRP A 308 23.61 -8.18 -1.21
CA TRP A 308 24.00 -9.59 -1.30
C TRP A 308 25.50 -9.66 -1.02
N GLU A 309 25.83 -9.57 0.27
CA GLU A 309 27.19 -9.40 0.75
C GLU A 309 27.78 -10.72 1.22
N VAL A 310 29.06 -10.92 0.91
CA VAL A 310 29.78 -12.14 1.25
C VAL A 310 31.16 -11.75 1.78
N LYS A 311 31.62 -12.44 2.82
CA LYS A 311 32.95 -12.18 3.36
C LYS A 311 34.03 -12.55 2.35
N LEU A 312 35.05 -11.70 2.25
CA LEU A 312 36.20 -11.93 1.38
C LEU A 312 37.42 -12.18 2.26
N ASP A 313 38.10 -13.29 2.03
CA ASP A 313 39.23 -13.69 2.86
C ASP A 313 40.56 -13.15 2.35
N GLU A 314 40.78 -13.18 1.03
CA GLU A 314 42.02 -12.70 0.46
C GLU A 314 41.79 -12.30 -0.98
N LEU A 315 42.60 -11.35 -1.46
CA LEU A 315 42.54 -10.87 -2.83
C LEU A 315 43.96 -10.79 -3.39
N TYR A 316 44.21 -11.47 -4.50
CA TYR A 316 45.54 -11.54 -5.10
C TYR A 316 45.51 -10.92 -6.50
N ILE A 317 46.44 -10.00 -6.74
CA ILE A 317 46.73 -9.50 -8.09
C ILE A 317 48.01 -10.20 -8.52
N GLY A 318 47.88 -11.22 -9.37
CA GLY A 318 49.03 -12.03 -9.71
C GLY A 318 49.53 -12.79 -8.52
N LYS A 319 50.77 -12.50 -8.09
CA LYS A 319 51.36 -13.11 -6.92
C LYS A 319 51.31 -12.22 -5.68
N GLU A 320 50.88 -10.97 -5.83
CA GLU A 320 50.91 -10.01 -4.74
C GLU A 320 49.55 -9.95 -4.03
N ARG A 321 49.58 -10.07 -2.71
CA ARG A 321 48.38 -9.95 -1.88
C ARG A 321 48.12 -8.49 -1.57
N ILE A 322 46.97 -7.98 -2.01
CA ILE A 322 46.69 -6.56 -1.95
C ILE A 322 45.64 -6.20 -0.91
N CYS A 323 44.84 -7.15 -0.43
CA CYS A 323 43.69 -6.81 0.41
C CYS A 323 43.60 -7.74 1.60
N CYS A 324 42.60 -7.46 2.44
CA CYS A 324 42.19 -8.32 3.55
C CYS A 324 43.19 -8.29 4.70
N ASP A 325 43.78 -7.12 4.95
CA ASP A 325 44.44 -6.88 6.24
C ASP A 325 43.39 -6.63 7.31
N GLU A 326 42.33 -5.89 6.97
CA GLU A 326 41.15 -5.72 7.81
C GLU A 326 39.98 -6.49 7.20
N GLU A 327 38.85 -6.47 7.91
CA GLU A 327 37.66 -7.18 7.45
C GLU A 327 37.14 -6.56 6.16
N SER A 328 36.84 -7.40 5.17
CA SER A 328 36.38 -6.93 3.87
C SER A 328 35.30 -7.86 3.34
N TYR A 329 34.47 -7.34 2.44
CA TYR A 329 33.30 -8.07 1.97
C TYR A 329 33.17 -7.91 0.46
N VAL A 330 32.36 -8.76 -0.14
CA VAL A 330 32.07 -8.76 -1.57
C VAL A 330 30.56 -8.60 -1.75
N ILE A 331 30.16 -7.68 -2.62
CA ILE A 331 28.76 -7.43 -2.97
C ILE A 331 28.53 -7.82 -4.42
N PHE A 332 27.47 -8.59 -4.67
CA PHE A 332 27.10 -9.02 -6.02
C PHE A 332 26.00 -8.10 -6.53
N ASP A 333 26.40 -7.09 -7.31
CA ASP A 333 25.50 -6.05 -7.78
C ASP A 333 25.27 -6.21 -9.28
N THR A 334 24.07 -6.66 -9.65
CA THR A 334 23.71 -6.77 -11.07
C THR A 334 23.35 -5.44 -11.71
N GLY A 335 23.40 -4.35 -10.94
CA GLY A 335 23.17 -3.02 -11.47
C GLY A 335 24.43 -2.19 -11.60
N THR A 336 25.60 -2.77 -11.35
CA THR A 336 26.88 -2.08 -11.51
C THR A 336 27.68 -2.84 -12.55
N SER A 337 28.08 -2.16 -13.61
CA SER A 337 28.70 -2.85 -14.74
C SER A 337 30.12 -3.29 -14.41
N TYR A 338 30.93 -2.38 -13.87
CA TYR A 338 32.32 -2.68 -13.57
C TYR A 338 32.45 -3.39 -12.24
N ASN A 339 33.65 -3.89 -11.98
CA ASN A 339 34.04 -4.34 -10.66
C ASN A 339 34.68 -3.16 -9.92
N THR A 340 34.69 -3.24 -8.60
CA THR A 340 35.23 -2.13 -7.81
C THR A 340 36.13 -2.65 -6.71
N MET A 341 37.00 -1.76 -6.24
CA MET A 341 37.85 -1.96 -5.08
C MET A 341 37.95 -0.62 -4.39
N PRO A 342 38.26 -0.62 -3.09
CA PRO A 342 38.47 0.66 -2.40
C PRO A 342 39.59 1.48 -3.04
N SER A 343 39.59 2.77 -2.70
CA SER A 343 40.60 3.67 -3.26
C SER A 343 42.01 3.23 -2.91
N SER A 344 42.21 2.73 -1.68
CA SER A 344 43.54 2.32 -1.25
C SER A 344 44.06 1.16 -2.08
N GLN A 345 43.22 0.14 -2.32
CA GLN A 345 43.65 -0.97 -3.15
C GLN A 345 43.62 -0.64 -4.63
N MET A 346 42.83 0.36 -5.03
CA MET A 346 42.76 0.72 -6.44
C MET A 346 44.06 1.36 -6.91
N LYS A 347 44.79 2.02 -6.01
CA LYS A 347 46.11 2.56 -6.37
C LYS A 347 47.09 1.43 -6.67
N THR A 348 47.11 0.40 -5.83
CA THR A 348 47.96 -0.76 -6.08
C THR A 348 47.52 -1.50 -7.34
N PHE A 349 46.22 -1.54 -7.58
CA PHE A 349 45.69 -2.23 -8.77
C PHE A 349 46.28 -1.64 -10.03
N LEU A 350 46.24 -0.31 -10.15
CA LEU A 350 46.68 0.35 -11.38
C LEU A 350 48.19 0.42 -11.53
N ASN A 351 48.94 0.37 -10.42
CA ASN A 351 50.39 0.30 -10.53
C ASN A 351 50.85 -1.01 -11.17
N LEU A 352 50.03 -2.06 -11.07
CA LEU A 352 50.33 -3.34 -11.69
C LEU A 352 49.59 -3.55 -13.00
N ILE A 353 48.41 -2.95 -13.15
CA ILE A 353 47.56 -3.16 -14.31
C ILE A 353 47.37 -1.82 -15.02
N HIS A 354 47.77 -1.77 -16.28
CA HIS A 354 47.80 -0.52 -17.03
C HIS A 354 46.92 -0.60 -18.27
N SER A 355 46.44 0.56 -18.70
CA SER A 355 45.74 0.66 -19.98
C SER A 355 46.74 0.52 -21.12
N THR A 356 46.36 -0.26 -22.14
CA THR A 356 47.23 -0.49 -23.29
C THR A 356 46.41 -0.37 -24.56
N ALA A 357 47.07 0.05 -25.63
CA ALA A 357 46.43 0.05 -26.94
C ALA A 357 46.26 -1.38 -27.44
N CYS A 358 45.11 -1.64 -28.05
CA CYS A 358 44.80 -2.98 -28.53
C CYS A 358 43.78 -2.88 -29.64
N THR A 359 43.75 -3.89 -30.50
CA THR A 359 42.73 -4.05 -31.52
C THR A 359 41.99 -5.36 -31.29
N GLU A 360 40.89 -5.53 -32.03
CA GLU A 360 40.15 -6.79 -31.94
C GLU A 360 40.98 -7.98 -32.40
N GLN A 361 41.97 -7.75 -33.26
CA GLN A 361 42.77 -8.87 -33.77
C GLN A 361 43.92 -9.23 -32.84
N ASN A 362 44.57 -8.24 -32.23
CA ASN A 362 45.71 -8.49 -31.36
C ASN A 362 45.36 -8.46 -29.88
N TYR A 363 44.06 -8.48 -29.54
CA TYR A 363 43.66 -8.34 -28.14
C TYR A 363 44.20 -9.48 -27.28
N LYS A 364 44.14 -10.71 -27.80
CA LYS A 364 44.56 -11.86 -26.99
C LYS A 364 46.07 -11.86 -26.76
N ASP A 365 46.85 -11.54 -27.81
CA ASP A 365 48.30 -11.60 -27.66
C ASP A 365 48.83 -10.48 -26.78
N ILE A 366 48.18 -9.32 -26.78
CA ILE A 366 48.64 -8.21 -25.94
C ILE A 366 48.37 -8.53 -24.47
N LEU A 367 47.19 -9.05 -24.16
CA LEU A 367 46.81 -9.35 -22.79
C LEU A 367 47.34 -10.70 -22.30
N LYS A 368 48.15 -11.40 -23.10
CA LYS A 368 48.70 -12.67 -22.65
C LYS A 368 49.62 -12.49 -21.45
N SER A 369 50.29 -11.35 -21.34
CA SER A 369 51.23 -11.07 -20.26
C SER A 369 50.56 -10.54 -19.00
N TYR A 370 49.28 -10.22 -19.04
CA TYR A 370 48.62 -9.53 -17.94
C TYR A 370 48.35 -10.47 -16.76
N PRO A 371 48.24 -9.92 -15.56
CA PRO A 371 48.06 -10.75 -14.36
C PRO A 371 46.68 -11.37 -14.28
N ILE A 372 46.58 -12.40 -13.43
CA ILE A 372 45.33 -13.05 -13.08
C ILE A 372 44.90 -12.59 -11.70
N ILE A 373 43.66 -12.13 -11.59
CA ILE A 373 43.12 -11.63 -10.33
C ILE A 373 42.40 -12.77 -9.62
N LYS A 374 42.79 -13.05 -8.37
CA LYS A 374 42.26 -14.18 -7.62
C LYS A 374 41.53 -13.69 -6.38
N TYR A 375 40.25 -14.06 -6.26
CA TYR A 375 39.46 -13.81 -5.06
C TYR A 375 39.41 -15.09 -4.23
N VAL A 376 39.71 -14.97 -2.95
CA VAL A 376 39.77 -16.12 -2.04
C VAL A 376 38.57 -16.07 -1.11
N PHE A 377 37.69 -17.05 -1.23
CA PHE A 377 36.52 -17.21 -0.36
C PHE A 377 36.69 -18.51 0.42
N GLY A 378 37.45 -18.45 1.51
CA GLY A 378 37.71 -19.64 2.29
C GLY A 378 38.54 -20.66 1.53
N GLU A 379 37.88 -21.74 1.09
CA GLU A 379 38.51 -22.74 0.25
C GLU A 379 38.23 -22.53 -1.23
N LEU A 380 37.30 -21.63 -1.57
CA LEU A 380 36.97 -21.33 -2.96
C LEU A 380 37.85 -20.20 -3.48
N ILE A 381 38.41 -20.40 -4.67
CA ILE A 381 39.23 -19.39 -5.35
C ILE A 381 38.58 -19.10 -6.69
N ILE A 382 38.22 -17.83 -6.91
CA ILE A 382 37.68 -17.36 -8.18
C ILE A 382 38.75 -16.56 -8.88
N GLU A 383 38.97 -16.86 -10.16
CA GLU A 383 40.01 -16.20 -10.95
C GLU A 383 39.37 -15.43 -12.09
N LEU A 384 39.86 -14.20 -12.31
CA LEU A 384 39.44 -13.38 -13.43
C LEU A 384 40.64 -13.21 -14.35
N HIS A 385 40.63 -13.93 -15.47
CA HIS A 385 41.73 -13.87 -16.42
C HIS A 385 41.70 -12.53 -17.15
N PRO A 386 42.84 -12.10 -17.71
CA PRO A 386 42.89 -10.77 -18.34
C PRO A 386 41.86 -10.55 -19.43
N GLU A 387 41.58 -11.55 -20.25
CA GLU A 387 40.55 -11.39 -21.26
C GLU A 387 39.15 -11.27 -20.67
N GLU A 388 39.00 -11.52 -19.37
CA GLU A 388 37.70 -11.47 -18.70
C GLU A 388 37.43 -10.15 -17.97
N TYR A 389 38.47 -9.44 -17.52
CA TYR A 389 38.29 -8.16 -16.85
C TYR A 389 38.82 -6.98 -17.67
N MET A 390 39.29 -7.20 -18.88
CA MET A 390 39.73 -6.12 -19.78
C MET A 390 38.70 -5.90 -20.87
N ILE A 391 38.29 -4.65 -21.07
CA ILE A 391 37.30 -4.31 -22.06
C ILE A 391 37.95 -3.44 -23.14
N LEU A 392 37.50 -3.63 -24.38
CA LEU A 392 38.02 -2.90 -25.53
C LEU A 392 37.08 -1.74 -25.86
N ASN A 393 37.60 -0.53 -25.82
CA ASN A 393 36.86 0.67 -26.22
C ASN A 393 37.72 1.46 -27.19
N ASP A 394 37.22 1.63 -28.41
CA ASP A 394 37.96 2.23 -29.52
C ASP A 394 39.22 1.41 -29.79
N ASP A 395 40.39 1.96 -29.49
CA ASP A 395 41.64 1.26 -29.77
C ASP A 395 42.46 0.99 -28.50
N VAL A 396 41.83 1.05 -27.32
CA VAL A 396 42.54 0.83 -26.07
C VAL A 396 41.81 -0.21 -25.23
N CYS A 397 42.58 -1.01 -24.50
CA CYS A 397 42.06 -1.98 -23.54
C CYS A 397 42.19 -1.40 -22.14
N MET A 398 41.06 -1.23 -21.45
CA MET A 398 41.09 -0.60 -20.13
C MET A 398 40.58 -1.54 -19.06
N PRO A 399 41.10 -1.42 -17.82
CA PRO A 399 40.60 -2.25 -16.72
C PRO A 399 39.17 -1.90 -16.39
N ALA A 400 38.30 -2.91 -16.37
CA ALA A 400 36.90 -2.71 -16.03
C ALA A 400 36.72 -2.60 -14.52
N TYR A 401 37.47 -1.70 -13.88
CA TYR A 401 37.43 -1.55 -12.43
C TYR A 401 37.26 -0.07 -12.08
N MET A 402 36.56 0.17 -10.97
CA MET A 402 36.25 1.51 -10.51
C MET A 402 36.59 1.65 -9.03
N GLN A 403 36.79 2.90 -8.62
CA GLN A 403 36.93 3.21 -7.20
C GLN A 403 35.59 3.78 -6.73
N ILE A 404 34.82 2.96 -6.02
CA ILE A 404 33.65 3.43 -5.28
C ILE A 404 33.86 3.02 -3.83
N ASP A 405 33.79 4.01 -2.94
CA ASP A 405 33.91 3.77 -1.50
C ASP A 405 32.51 3.66 -0.92
N VAL A 406 32.11 2.43 -0.58
CA VAL A 406 30.76 2.15 -0.07
C VAL A 406 30.64 2.65 1.36
N PRO A 407 29.84 3.68 1.64
CA PRO A 407 29.72 4.19 3.01
C PRO A 407 28.68 3.47 3.85
N SER A 408 27.91 2.54 3.26
CA SER A 408 26.91 1.80 4.03
C SER A 408 27.54 1.07 5.20
N GLU A 409 28.70 0.47 4.98
CA GLU A 409 29.49 -0.14 6.05
C GLU A 409 30.89 0.46 6.00
N ARG A 410 31.34 0.98 7.15
CA ARG A 410 32.67 1.60 7.23
C ARG A 410 33.75 0.66 6.71
N ASN A 411 33.63 -0.64 6.99
CA ASN A 411 34.49 -1.62 6.36
C ASN A 411 34.33 -1.54 4.86
N HIS A 412 35.42 -1.25 4.16
CA HIS A 412 35.36 -1.09 2.71
C HIS A 412 35.14 -2.43 2.01
N ALA A 413 34.39 -2.40 0.92
CA ALA A 413 33.90 -3.61 0.27
C ALA A 413 34.25 -3.58 -1.21
N TYR A 414 33.95 -4.70 -1.87
CA TYR A 414 34.29 -4.95 -3.26
C TYR A 414 33.04 -5.38 -4.01
N LEU A 415 32.84 -4.81 -5.20
CA LEU A 415 31.67 -5.11 -6.01
C LEU A 415 32.05 -6.06 -7.13
N LEU A 416 31.25 -7.09 -7.34
CA LEU A 416 31.34 -7.93 -8.52
C LEU A 416 30.17 -7.56 -9.43
N GLY A 417 30.48 -7.09 -10.63
CA GLY A 417 29.50 -6.50 -11.51
C GLY A 417 29.02 -7.43 -12.62
N SER A 418 28.29 -6.84 -13.56
CA SER A 418 27.69 -7.58 -14.66
C SER A 418 28.65 -7.77 -15.83
N LEU A 419 29.44 -6.76 -16.16
CA LEU A 419 30.27 -6.81 -17.36
C LEU A 419 31.46 -7.75 -17.19
N SER A 420 32.13 -7.68 -16.04
CA SER A 420 33.36 -8.45 -15.84
C SER A 420 33.11 -9.81 -15.19
N PHE A 421 32.42 -9.83 -14.04
CA PHE A 421 32.28 -11.07 -13.29
C PHE A 421 31.13 -11.92 -13.82
N MET A 422 29.93 -11.35 -13.88
CA MET A 422 28.76 -12.17 -14.18
C MET A 422 28.72 -12.65 -15.63
N ARG A 423 29.46 -11.99 -16.54
CA ARG A 423 29.51 -12.48 -17.91
C ARG A 423 30.17 -13.85 -17.98
N ASN A 424 31.05 -14.17 -17.02
CA ASN A 424 31.76 -15.43 -17.00
C ASN A 424 31.30 -16.38 -15.91
N PHE A 425 30.61 -15.89 -14.89
CA PHE A 425 30.18 -16.72 -13.78
C PHE A 425 28.67 -16.66 -13.61
N PHE A 426 28.08 -17.84 -13.40
CA PHE A 426 26.65 -17.97 -13.13
C PHE A 426 26.43 -17.80 -11.64
N THR A 427 25.69 -16.75 -11.25
CA THR A 427 25.50 -16.39 -9.85
C THR A 427 24.10 -16.77 -9.41
N VAL A 428 24.01 -17.40 -8.23
CA VAL A 428 22.74 -17.86 -7.66
C VAL A 428 22.48 -17.11 -6.36
N PHE A 429 21.30 -16.51 -6.26
CA PHE A 429 20.89 -15.73 -5.09
C PHE A 429 19.83 -16.51 -4.34
N VAL A 430 20.22 -17.19 -3.26
CA VAL A 430 19.32 -18.03 -2.49
C VAL A 430 18.84 -17.25 -1.27
N ARG A 431 17.56 -16.91 -1.24
CA ARG A 431 16.98 -16.25 -0.07
C ARG A 431 16.81 -17.27 1.05
N GLY A 432 17.16 -16.86 2.26
CA GLY A 432 16.99 -17.73 3.40
C GLY A 432 15.55 -17.79 3.86
N THR A 433 15.18 -18.94 4.42
CA THR A 433 13.87 -19.15 4.99
C THR A 433 14.01 -19.62 6.43
N GLU A 434 13.00 -20.30 6.95
CA GLU A 434 13.10 -20.85 8.30
C GLU A 434 14.03 -22.07 8.35
N SER A 435 14.34 -22.67 7.20
CA SER A 435 15.13 -23.89 7.16
C SER A 435 16.54 -23.72 6.61
N ARG A 436 16.83 -22.62 5.93
CA ARG A 436 18.14 -22.42 5.33
C ARG A 436 18.55 -20.96 5.45
N PRO A 437 19.84 -20.68 5.52
CA PRO A 437 20.30 -19.29 5.51
C PRO A 437 20.44 -18.76 4.08
N SER A 438 20.54 -17.43 3.99
CA SER A 438 20.74 -16.78 2.70
C SER A 438 22.16 -17.01 2.20
N MET A 439 22.28 -17.41 0.94
CA MET A 439 23.58 -17.75 0.35
C MET A 439 23.66 -17.27 -1.08
N VAL A 440 24.87 -16.94 -1.51
CA VAL A 440 25.19 -16.66 -2.91
C VAL A 440 26.06 -17.78 -3.45
N GLY A 441 25.65 -18.34 -4.57
CA GLY A 441 26.42 -19.39 -5.24
C GLY A 441 26.93 -18.94 -6.59
N VAL A 442 28.18 -19.29 -6.89
CA VAL A 442 28.82 -18.92 -8.15
C VAL A 442 29.28 -20.20 -8.86
N ALA A 443 29.18 -20.19 -10.18
CA ALA A 443 29.62 -21.30 -11.00
C ALA A 443 30.10 -20.75 -12.33
N ARG A 444 30.77 -21.59 -13.11
CA ARG A 444 31.28 -21.16 -14.41
C ARG A 444 30.12 -21.11 -15.40
N ALA A 445 30.02 -19.99 -16.13
CA ALA A 445 28.94 -19.82 -17.09
C ALA A 445 29.13 -20.71 -18.31
N LYS A 446 28.03 -21.23 -18.83
CA LYS A 446 28.07 -22.03 -20.05
C LYS A 446 27.58 -21.20 -21.23
N LYS B 108 -9.26 27.62 5.73
CA LYS B 108 -8.10 27.93 6.56
C LYS B 108 -8.33 27.54 8.01
N GLU B 109 -9.34 26.70 8.24
CA GLU B 109 -9.70 26.22 9.56
C GLU B 109 -9.19 24.79 9.71
N ASN B 110 -8.15 24.59 10.52
CA ASN B 110 -7.58 23.26 10.67
C ASN B 110 -8.55 22.31 11.36
N ILE B 111 -9.28 22.81 12.36
CA ILE B 111 -10.39 22.09 12.98
C ILE B 111 -11.67 22.79 12.56
N PHE B 112 -12.58 22.05 11.92
CA PHE B 112 -13.80 22.65 11.40
C PHE B 112 -14.97 21.73 11.67
N LEU B 113 -16.17 22.33 11.67
CA LEU B 113 -17.39 21.65 12.06
C LEU B 113 -18.37 21.63 10.89
N VAL B 114 -18.94 20.46 10.62
CA VAL B 114 -19.98 20.29 9.62
C VAL B 114 -21.27 19.92 10.34
N PRO B 115 -22.26 20.81 10.41
CA PRO B 115 -23.48 20.51 11.18
C PRO B 115 -24.27 19.35 10.58
N LEU B 116 -24.75 18.48 11.47
CA LEU B 116 -25.51 17.29 11.09
C LEU B 116 -26.97 17.48 11.47
N LYS B 117 -27.88 17.13 10.56
CA LYS B 117 -29.30 17.24 10.79
C LYS B 117 -29.92 15.85 10.84
N HIS B 118 -30.56 15.53 11.96
CA HIS B 118 -31.27 14.26 12.08
C HIS B 118 -32.55 14.31 11.25
N LEU B 119 -32.68 13.38 10.31
CA LEU B 119 -33.84 13.35 9.42
C LEU B 119 -35.05 12.78 10.16
N ARG B 120 -36.20 12.78 9.46
CA ARG B 120 -37.44 12.31 10.08
C ARG B 120 -37.31 10.86 10.56
N ASP B 121 -36.42 10.09 9.95
CA ASP B 121 -36.25 8.69 10.31
C ASP B 121 -35.05 8.51 11.22
N SER B 122 -34.03 7.77 10.78
CA SER B 122 -32.93 7.38 11.65
C SER B 122 -31.57 7.56 10.99
N GLN B 123 -31.35 8.68 10.31
CA GLN B 123 -30.06 8.94 9.69
C GLN B 123 -29.69 10.41 9.84
N PHE B 124 -28.38 10.68 9.83
CA PHE B 124 -27.84 12.02 9.95
C PHE B 124 -27.20 12.45 8.63
N VAL B 125 -27.60 13.62 8.13
CA VAL B 125 -27.11 14.14 6.87
C VAL B 125 -26.49 15.51 7.10
N GLY B 126 -25.53 15.86 6.23
CA GLY B 126 -24.85 17.14 6.32
C GLY B 126 -24.70 17.78 4.95
N GLU B 127 -24.20 19.01 4.95
CA GLU B 127 -24.07 19.77 3.71
C GLU B 127 -22.81 19.38 2.95
N LEU B 128 -22.97 19.05 1.67
CA LEU B 128 -21.86 18.74 0.77
C LEU B 128 -22.05 19.46 -0.56
N LEU B 129 -21.05 20.20 -0.99
CA LEU B 129 -21.08 20.91 -2.26
C LEU B 129 -20.34 20.08 -3.31
N VAL B 130 -20.95 19.94 -4.49
CA VAL B 130 -20.41 19.10 -5.55
C VAL B 130 -20.32 19.91 -6.83
N GLY B 131 -19.10 20.12 -7.33
CA GLY B 131 -18.89 20.68 -8.66
C GLY B 131 -18.65 22.18 -8.63
N THR B 132 -18.56 22.74 -9.84
CA THR B 132 -18.46 24.18 -10.07
C THR B 132 -19.30 24.53 -11.29
N PRO B 133 -20.37 25.32 -11.15
CA PRO B 133 -20.89 25.91 -9.91
C PRO B 133 -21.39 24.88 -8.92
N PRO B 134 -21.21 25.13 -7.63
CA PRO B 134 -21.51 24.11 -6.63
C PRO B 134 -23.00 23.80 -6.55
N GLN B 135 -23.32 22.53 -6.35
CA GLN B 135 -24.68 22.07 -6.16
C GLN B 135 -24.79 21.42 -4.78
N THR B 136 -25.83 21.78 -4.03
CA THR B 136 -25.97 21.34 -2.66
C THR B 136 -26.67 20.00 -2.61
N VAL B 137 -26.10 19.06 -1.84
CA VAL B 137 -26.73 17.79 -1.53
C VAL B 137 -26.52 17.52 -0.05
N TYR B 138 -27.40 16.69 0.52
CA TYR B 138 -27.36 16.35 1.94
C TYR B 138 -27.25 14.85 2.09
N PRO B 139 -26.05 14.30 2.00
CA PRO B 139 -25.86 12.84 2.07
C PRO B 139 -25.70 12.32 3.49
N ILE B 140 -25.90 11.01 3.61
CA ILE B 140 -25.62 10.31 4.86
C ILE B 140 -24.12 10.27 5.10
N PHE B 141 -23.70 10.62 6.30
CA PHE B 141 -22.28 10.49 6.68
C PHE B 141 -22.09 9.15 7.37
N ASP B 142 -21.47 8.22 6.65
CA ASP B 142 -21.44 6.80 7.00
C ASP B 142 -20.02 6.38 7.33
N THR B 143 -19.85 5.69 8.46
CA THR B 143 -18.57 5.08 8.81
C THR B 143 -18.60 3.57 8.64
N GLY B 144 -19.63 3.04 7.98
CA GLY B 144 -19.68 1.61 7.69
C GLY B 144 -19.46 1.32 6.23
N SER B 145 -19.15 2.36 5.45
CA SER B 145 -18.79 2.20 4.06
C SER B 145 -17.76 3.27 3.71
N THR B 146 -17.20 3.14 2.50
CA THR B 146 -16.13 4.03 2.05
C THR B 146 -16.45 4.78 0.78
N ASN B 147 -17.26 4.23 -0.12
CA ASN B 147 -17.58 4.92 -1.37
C ASN B 147 -18.44 6.14 -1.12
N VAL B 148 -18.37 7.09 -2.04
CA VAL B 148 -19.22 8.28 -2.03
C VAL B 148 -20.27 8.12 -3.12
N TRP B 149 -21.54 8.22 -2.74
CA TRP B 149 -22.65 8.19 -3.69
C TRP B 149 -23.38 9.53 -3.67
N VAL B 150 -23.87 9.93 -4.86
CA VAL B 150 -24.64 11.14 -5.03
C VAL B 150 -25.81 10.83 -5.96
N VAL B 151 -26.99 11.32 -5.60
CA VAL B 151 -28.19 11.11 -6.41
C VAL B 151 -28.19 12.11 -7.56
N THR B 152 -28.31 11.61 -8.79
CA THR B 152 -28.23 12.45 -9.98
C THR B 152 -29.58 12.58 -10.64
N THR B 153 -29.63 13.47 -11.64
CA THR B 153 -30.84 13.70 -12.42
C THR B 153 -31.10 12.59 -13.42
N ALA B 154 -30.10 11.74 -13.70
CA ALA B 154 -30.31 10.57 -14.55
C ALA B 154 -31.29 9.59 -13.94
N CYS B 155 -31.47 9.64 -12.62
CA CYS B 155 -32.49 8.86 -11.93
C CYS B 155 -33.82 9.60 -12.03
N GLU B 156 -34.72 9.08 -12.85
CA GLU B 156 -35.98 9.75 -13.14
C GLU B 156 -37.14 9.17 -12.34
N GLU B 157 -36.85 8.31 -11.37
CA GLU B 157 -37.88 7.71 -10.53
C GLU B 157 -38.36 8.72 -9.48
N GLU B 158 -39.60 8.52 -9.03
CA GLU B 158 -40.21 9.46 -8.09
C GLU B 158 -39.45 9.51 -6.77
N SER B 159 -38.81 8.40 -6.37
CA SER B 159 -37.99 8.42 -5.17
C SER B 159 -36.81 9.37 -5.30
N CYS B 160 -36.26 9.50 -6.51
CA CYS B 160 -35.13 10.41 -6.70
C CYS B 160 -35.58 11.86 -6.82
N LYS B 161 -36.76 12.10 -7.39
CA LYS B 161 -37.32 13.45 -7.38
C LYS B 161 -37.80 13.80 -5.97
N LYS B 162 -38.23 15.05 -5.81
CA LYS B 162 -38.56 15.62 -4.50
C LYS B 162 -37.34 15.65 -3.57
N VAL B 163 -36.14 15.61 -4.15
CA VAL B 163 -34.89 15.67 -3.39
C VAL B 163 -33.87 16.37 -4.28
N ARG B 164 -33.04 17.21 -3.66
CA ARG B 164 -32.03 17.95 -4.40
C ARG B 164 -31.14 17.01 -5.20
N ARG B 165 -31.21 17.10 -6.52
CA ARG B 165 -30.49 16.19 -7.41
C ARG B 165 -29.32 16.91 -8.08
N TYR B 166 -28.20 16.22 -8.16
CA TYR B 166 -27.00 16.77 -8.78
C TYR B 166 -26.98 16.42 -10.26
N ASP B 167 -26.81 17.45 -11.10
CA ASP B 167 -26.81 17.26 -12.54
C ASP B 167 -25.39 17.43 -13.06
N PRO B 168 -24.73 16.36 -13.52
CA PRO B 168 -23.34 16.51 -13.98
C PRO B 168 -23.21 17.35 -15.23
N ASN B 169 -24.25 17.43 -16.06
CA ASN B 169 -24.20 18.23 -17.26
C ASN B 169 -24.09 19.73 -16.96
N LYS B 170 -24.28 20.14 -15.72
CA LYS B 170 -24.16 21.54 -15.31
C LYS B 170 -22.88 21.82 -14.52
N SER B 171 -22.00 20.83 -14.37
CA SER B 171 -20.73 21.00 -13.67
C SER B 171 -19.61 21.12 -14.70
N LYS B 172 -18.88 22.24 -14.65
CA LYS B 172 -17.77 22.43 -15.57
C LYS B 172 -16.57 21.56 -15.22
N THR B 173 -16.47 21.09 -13.98
CA THR B 173 -15.33 20.28 -13.55
C THR B 173 -15.63 18.79 -13.50
N PHE B 174 -16.83 18.37 -13.93
CA PHE B 174 -17.15 16.95 -13.93
C PHE B 174 -16.44 16.24 -15.07
N ARG B 175 -15.76 15.16 -14.73
CA ARG B 175 -15.10 14.29 -15.70
C ARG B 175 -15.67 12.90 -15.48
N ARG B 176 -15.98 12.20 -16.56
CA ARG B 176 -16.55 10.87 -16.45
C ARG B 176 -15.45 9.82 -16.54
N SER B 177 -15.70 8.69 -15.90
CA SER B 177 -14.72 7.62 -15.77
C SER B 177 -15.13 6.43 -16.63
N PHE B 178 -14.49 6.28 -17.78
CA PHE B 178 -14.79 5.18 -18.68
C PHE B 178 -14.00 3.91 -18.37
N ILE B 179 -12.92 4.03 -17.59
CA ILE B 179 -12.15 2.84 -17.22
C ILE B 179 -12.90 2.02 -16.19
N GLU B 180 -13.59 2.68 -15.26
CA GLU B 180 -14.31 1.99 -14.20
C GLU B 180 -15.65 1.47 -14.72
N LYS B 181 -16.07 0.34 -14.17
CA LYS B 181 -17.32 -0.27 -14.59
C LYS B 181 -18.48 0.35 -13.80
N ASN B 182 -19.64 -0.29 -13.84
CA ASN B 182 -20.83 0.20 -13.15
C ASN B 182 -20.92 -0.39 -11.75
N LEU B 183 -21.28 0.46 -10.80
CA LEU B 183 -21.32 0.08 -9.39
C LEU B 183 -22.75 -0.23 -8.97
N HIS B 184 -22.90 -1.23 -8.12
CA HIS B 184 -24.19 -1.61 -7.55
C HIS B 184 -23.98 -2.04 -6.11
N ILE B 185 -24.66 -1.36 -5.18
CA ILE B 185 -24.57 -1.68 -3.76
C ILE B 185 -25.98 -1.93 -3.23
N VAL B 186 -26.11 -2.93 -2.37
CA VAL B 186 -27.37 -3.21 -1.71
C VAL B 186 -27.57 -2.21 -0.58
N PHE B 187 -28.79 -1.70 -0.44
CA PHE B 187 -29.10 -0.67 0.53
C PHE B 187 -30.38 -1.07 1.27
N GLY B 188 -30.25 -2.04 2.16
CA GLY B 188 -31.40 -2.58 2.88
C GLY B 188 -32.36 -3.32 1.97
N SER B 189 -33.62 -2.88 1.95
CA SER B 189 -34.60 -3.50 1.05
C SER B 189 -34.36 -3.09 -0.40
N GLY B 190 -33.90 -1.87 -0.64
CA GLY B 190 -33.61 -1.40 -1.97
C GLY B 190 -32.14 -1.55 -2.33
N SER B 191 -31.81 -1.08 -3.53
CA SER B 191 -30.45 -1.12 -4.03
C SER B 191 -30.20 0.09 -4.92
N ILE B 192 -28.94 0.51 -4.97
CA ILE B 192 -28.52 1.67 -5.76
C ILE B 192 -27.59 1.18 -6.88
N SER B 193 -27.85 1.65 -8.10
CA SER B 193 -27.01 1.33 -9.25
C SER B 193 -26.65 2.63 -9.96
N GLY B 194 -25.39 2.76 -10.35
CA GLY B 194 -24.96 3.95 -11.04
C GLY B 194 -23.60 3.80 -11.66
N SER B 195 -23.15 4.87 -12.32
CA SER B 195 -21.85 4.91 -12.96
C SER B 195 -20.84 5.62 -12.07
N VAL B 196 -19.60 5.70 -12.54
CA VAL B 196 -18.50 6.27 -11.78
C VAL B 196 -18.00 7.51 -12.52
N GLY B 197 -17.56 8.50 -11.75
CA GLY B 197 -17.02 9.74 -12.31
C GLY B 197 -16.22 10.49 -11.26
N THR B 198 -15.74 11.67 -11.66
CA THR B 198 -14.97 12.54 -10.79
C THR B 198 -15.49 13.97 -10.87
N ASP B 199 -15.45 14.67 -9.73
CA ASP B 199 -15.78 16.09 -9.70
C ASP B 199 -15.16 16.70 -8.44
N THR B 200 -15.37 17.99 -8.26
CA THR B 200 -14.81 18.73 -7.13
C THR B 200 -15.81 18.80 -5.99
N PHE B 201 -15.35 18.54 -4.78
CA PHE B 201 -16.18 18.56 -3.59
C PHE B 201 -15.69 19.64 -2.63
N MET B 202 -16.60 20.11 -1.79
CA MET B 202 -16.29 21.10 -0.75
C MET B 202 -17.08 20.76 0.49
N LEU B 203 -16.37 20.45 1.58
CA LEU B 203 -16.99 20.06 2.84
C LEU B 203 -16.44 20.99 3.94
N GLY B 204 -17.27 21.94 4.36
CA GLY B 204 -16.86 22.85 5.43
C GLY B 204 -15.70 23.74 5.07
N LYS B 205 -15.86 24.53 4.00
CA LYS B 205 -14.84 25.47 3.54
C LYS B 205 -13.53 24.79 3.16
N HIS B 206 -13.56 23.49 2.85
CA HIS B 206 -12.37 22.75 2.46
C HIS B 206 -12.59 22.08 1.11
N LEU B 207 -11.71 22.35 0.15
CA LEU B 207 -11.87 21.84 -1.21
C LEU B 207 -11.26 20.45 -1.35
N VAL B 208 -11.92 19.63 -2.16
CA VAL B 208 -11.44 18.29 -2.52
C VAL B 208 -11.62 18.18 -4.02
N ARG B 209 -10.55 18.39 -4.78
CA ARG B 209 -10.64 18.42 -6.23
C ARG B 209 -10.40 17.03 -6.82
N ASN B 210 -10.98 16.79 -8.00
CA ASN B 210 -10.74 15.58 -8.79
C ASN B 210 -10.93 14.32 -7.96
N GLN B 211 -12.08 14.22 -7.29
CA GLN B 211 -12.38 13.14 -6.38
C GLN B 211 -13.39 12.19 -7.02
N THR B 212 -13.12 10.88 -6.91
CA THR B 212 -13.98 9.88 -7.51
C THR B 212 -15.20 9.60 -6.63
N PHE B 213 -16.36 9.49 -7.27
CA PHE B 213 -17.61 9.22 -6.56
C PHE B 213 -18.56 8.49 -7.50
N GLY B 214 -19.54 7.81 -6.90
CA GLY B 214 -20.57 7.12 -7.66
C GLY B 214 -21.77 8.01 -7.92
N LEU B 215 -22.33 7.89 -9.13
CA LEU B 215 -23.46 8.69 -9.57
C LEU B 215 -24.70 7.80 -9.60
N VAL B 216 -25.60 8.00 -8.64
CA VAL B 216 -26.82 7.18 -8.56
C VAL B 216 -27.67 7.47 -9.79
N GLU B 217 -27.84 6.47 -10.64
CA GLU B 217 -28.70 6.60 -11.82
C GLU B 217 -29.98 5.79 -11.72
N SER B 218 -30.04 4.78 -10.85
CA SER B 218 -31.23 3.95 -10.70
C SER B 218 -31.39 3.55 -9.24
N GLU B 219 -32.60 3.72 -8.72
CA GLU B 219 -32.97 3.32 -7.38
C GLU B 219 -34.06 2.25 -7.47
N SER B 220 -33.74 1.05 -7.02
CA SER B 220 -34.68 -0.06 -7.14
C SER B 220 -35.30 -0.37 -5.79
N ASN B 221 -36.53 -0.88 -5.81
CA ASN B 221 -37.24 -1.25 -4.59
C ASN B 221 -37.73 -2.69 -4.66
N ASN B 229 -40.88 1.63 -0.36
CA ASN B 229 -39.58 2.07 -0.84
C ASN B 229 -38.82 2.85 0.23
N ILE B 230 -37.65 2.33 0.59
CA ILE B 230 -36.84 2.98 1.62
C ILE B 230 -36.38 4.36 1.16
N PHE B 231 -36.05 4.49 -0.14
CA PHE B 231 -35.52 5.75 -0.64
C PHE B 231 -36.56 6.86 -0.62
N ASP B 232 -37.84 6.52 -0.81
CA ASP B 232 -38.88 7.54 -0.76
C ASP B 232 -39.10 8.06 0.65
N TYR B 233 -38.90 7.20 1.66
CA TYR B 233 -39.17 7.59 3.04
C TYR B 233 -38.06 8.46 3.62
N ILE B 234 -36.79 8.14 3.35
CA ILE B 234 -35.68 8.78 4.05
C ILE B 234 -35.14 10.01 3.32
N SER B 235 -35.67 10.34 2.14
CA SER B 235 -35.18 11.46 1.34
C SER B 235 -33.68 11.30 1.04
N PHE B 236 -33.36 10.19 0.38
CA PHE B 236 -31.97 9.84 0.10
C PHE B 236 -31.37 10.79 -0.92
N GLU B 237 -30.26 11.43 -0.56
CA GLU B 237 -29.55 12.32 -1.46
C GLU B 237 -28.08 11.94 -1.66
N GLY B 238 -27.60 10.90 -0.99
CA GLY B 238 -26.25 10.43 -1.21
C GLY B 238 -25.66 9.81 0.04
N ILE B 239 -24.43 9.32 -0.12
CA ILE B 239 -23.64 8.76 0.97
C ILE B 239 -22.23 9.32 0.87
N VAL B 240 -21.63 9.63 2.01
CA VAL B 240 -20.23 10.00 2.11
C VAL B 240 -19.58 8.96 3.00
N GLY B 241 -18.88 8.01 2.40
CA GLY B 241 -18.24 6.96 3.18
C GLY B 241 -17.03 7.48 3.94
N LEU B 242 -16.90 7.02 5.18
CA LEU B 242 -15.78 7.40 6.02
C LEU B 242 -15.02 6.17 6.53
N GLY B 243 -15.18 5.03 5.86
CA GLY B 243 -14.47 3.84 6.23
C GLY B 243 -13.04 3.85 5.73
N PHE B 244 -12.34 2.74 5.96
CA PHE B 244 -10.96 2.61 5.54
C PHE B 244 -10.89 2.22 4.06
N PRO B 245 -9.81 2.58 3.38
CA PRO B 245 -9.61 2.04 2.03
C PRO B 245 -9.54 0.53 2.10
N GLY B 246 -10.07 -0.11 1.05
CA GLY B 246 -10.31 -1.55 1.04
C GLY B 246 -11.78 -1.89 0.86
N MET B 247 -12.67 -0.97 1.24
CA MET B 247 -14.06 -1.02 0.81
C MET B 247 -14.33 -0.07 -0.35
N LEU B 248 -13.30 0.61 -0.85
CA LEU B 248 -13.45 1.55 -1.97
C LEU B 248 -13.59 0.74 -3.25
N SER B 249 -14.76 0.83 -3.88
CA SER B 249 -15.03 0.06 -5.08
C SER B 249 -14.37 0.66 -6.33
N ALA B 250 -14.13 1.96 -6.35
CA ALA B 250 -13.56 2.61 -7.53
C ALA B 250 -12.80 3.85 -7.09
N GLY B 251 -11.76 4.18 -7.86
CA GLY B 251 -10.95 5.35 -7.58
C GLY B 251 -9.63 4.99 -6.93
N ASN B 252 -8.66 5.89 -7.06
CA ASN B 252 -7.35 5.64 -6.48
C ASN B 252 -7.31 6.03 -5.01
N ILE B 253 -8.03 7.08 -4.61
CA ILE B 253 -7.98 7.54 -3.21
C ILE B 253 -9.39 7.76 -2.67
N PRO B 254 -9.66 7.33 -1.43
CA PRO B 254 -10.98 7.60 -0.84
C PRO B 254 -11.20 9.09 -0.59
N PHE B 255 -12.47 9.44 -0.38
CA PHE B 255 -12.84 10.85 -0.23
C PHE B 255 -12.14 11.49 0.95
N PHE B 256 -12.31 10.92 2.15
CA PHE B 256 -11.70 11.53 3.34
C PHE B 256 -10.18 11.51 3.27
N ASP B 257 -9.61 10.45 2.69
CA ASP B 257 -8.15 10.43 2.50
C ASP B 257 -7.72 11.55 1.58
N ASN B 258 -8.50 11.80 0.53
CA ASN B 258 -8.15 12.85 -0.42
C ASN B 258 -8.29 14.23 0.20
N LEU B 259 -9.25 14.41 1.12
CA LEU B 259 -9.40 15.69 1.80
C LEU B 259 -8.16 16.01 2.61
N LEU B 260 -7.66 15.04 3.38
CA LEU B 260 -6.44 15.25 4.15
C LEU B 260 -5.25 15.50 3.24
N LYS B 261 -5.23 14.86 2.06
CA LYS B 261 -4.11 15.03 1.15
C LYS B 261 -4.06 16.44 0.57
N GLN B 262 -5.21 16.97 0.15
CA GLN B 262 -5.26 18.31 -0.40
C GLN B 262 -5.31 19.40 0.66
N ASN B 263 -5.66 19.06 1.89
CA ASN B 263 -5.63 19.98 3.03
C ASN B 263 -4.70 19.38 4.08
N PRO B 264 -3.39 19.58 3.93
CA PRO B 264 -2.44 18.89 4.83
C PRO B 264 -2.54 19.32 6.28
N ASN B 265 -2.94 20.57 6.55
CA ASN B 265 -2.95 21.07 7.93
C ASN B 265 -3.94 20.30 8.80
N VAL B 266 -5.01 19.78 8.20
CA VAL B 266 -6.03 19.06 8.96
C VAL B 266 -5.44 17.77 9.52
N ASP B 267 -5.68 17.51 10.82
CA ASP B 267 -5.22 16.28 11.42
C ASP B 267 -6.13 15.12 11.03
N PRO B 268 -5.57 13.96 10.70
CA PRO B 268 -6.40 12.83 10.23
C PRO B 268 -7.31 12.24 11.30
N GLN B 269 -8.38 12.95 11.66
CA GLN B 269 -9.36 12.41 12.60
C GLN B 269 -10.69 13.16 12.45
N PHE B 270 -11.78 12.46 12.74
CA PHE B 270 -13.11 13.06 12.82
C PHE B 270 -13.86 12.44 13.99
N SER B 271 -14.72 13.23 14.61
CA SER B 271 -15.55 12.77 15.72
C SER B 271 -17.00 13.13 15.47
N PHE B 272 -17.89 12.32 16.03
CA PHE B 272 -19.33 12.50 15.90
C PHE B 272 -19.93 12.93 17.23
N TYR B 273 -20.68 14.03 17.22
CA TYR B 273 -21.48 14.46 18.36
C TYR B 273 -22.94 14.34 17.95
N ILE B 274 -23.62 13.31 18.42
CA ILE B 274 -25.00 13.01 18.06
C ILE B 274 -25.91 13.58 19.13
N SER B 275 -26.87 14.40 18.72
CA SER B 275 -27.84 15.01 19.64
C SER B 275 -29.13 15.25 18.87
N PRO B 276 -29.92 14.19 18.67
CA PRO B 276 -31.12 14.34 17.82
C PRO B 276 -32.26 15.08 18.50
N TYR B 277 -32.31 15.13 19.83
CA TYR B 277 -33.42 15.75 20.51
C TYR B 277 -33.48 17.25 20.27
N ASP B 278 -32.32 17.91 20.21
CA ASP B 278 -32.26 19.36 20.13
C ASP B 278 -31.78 19.88 18.78
N GLY B 279 -31.40 19.00 17.86
CA GLY B 279 -30.94 19.48 16.58
C GLY B 279 -29.58 20.16 16.62
N LYS B 280 -28.77 19.87 17.63
CA LYS B 280 -27.44 20.43 17.77
C LYS B 280 -26.34 19.40 17.51
N SER B 281 -26.64 18.35 16.76
CA SER B 281 -25.62 17.39 16.37
C SER B 281 -24.64 18.01 15.37
N THR B 282 -23.39 17.56 15.43
CA THR B 282 -22.38 18.11 14.53
C THR B 282 -21.28 17.09 14.31
N LEU B 283 -20.62 17.21 13.17
CA LEU B 283 -19.45 16.42 12.82
C LEU B 283 -18.22 17.32 12.88
N ILE B 284 -17.31 17.03 13.80
CA ILE B 284 -16.10 17.81 13.98
C ILE B 284 -14.94 17.09 13.32
N ILE B 285 -14.24 17.79 12.43
CA ILE B 285 -13.16 17.22 11.64
C ILE B 285 -11.87 17.94 11.99
N GLY B 286 -10.83 17.17 12.30
CA GLY B 286 -9.52 17.70 12.60
C GLY B 286 -9.12 17.63 14.05
N GLY B 287 -10.08 17.47 14.96
CA GLY B 287 -9.73 17.39 16.37
C GLY B 287 -10.90 17.02 17.27
N ILE B 288 -10.82 17.44 18.53
CA ILE B 288 -11.86 17.18 19.52
C ILE B 288 -12.07 18.45 20.32
N SER B 289 -13.26 18.58 20.92
CA SER B 289 -13.58 19.72 21.74
C SER B 289 -14.21 19.27 23.05
N LYS B 290 -13.78 19.88 24.14
CA LYS B 290 -14.30 19.52 25.46
C LYS B 290 -15.77 19.87 25.62
N SER B 291 -16.34 20.66 24.70
CA SER B 291 -17.75 21.04 24.75
C SER B 291 -18.67 19.99 24.13
N PHE B 292 -18.16 18.80 23.82
CA PHE B 292 -18.99 17.70 23.33
C PHE B 292 -18.91 16.45 24.19
N TYR B 293 -18.00 16.40 25.16
CA TYR B 293 -17.79 15.20 25.96
C TYR B 293 -17.38 15.61 27.37
N GLU B 294 -17.44 14.63 28.28
CA GLU B 294 -17.02 14.83 29.67
C GLU B 294 -16.04 13.74 30.07
N GLY B 295 -15.19 14.07 31.04
CA GLY B 295 -14.19 13.14 31.51
C GLY B 295 -12.98 13.05 30.60
N ASP B 296 -12.47 11.83 30.41
CA ASP B 296 -11.30 11.60 29.58
C ASP B 296 -11.62 10.50 28.57
N ILE B 297 -11.01 10.62 27.39
CA ILE B 297 -11.28 9.72 26.28
C ILE B 297 -10.40 8.49 26.42
N TYR B 298 -11.01 7.31 26.31
CA TYR B 298 -10.29 6.04 26.33
C TYR B 298 -10.18 5.51 24.90
N MET B 299 -8.95 5.31 24.43
CA MET B 299 -8.70 4.92 23.05
C MET B 299 -8.67 3.41 22.89
N LEU B 300 -9.19 2.93 21.76
CA LEU B 300 -9.24 1.50 21.44
C LEU B 300 -8.57 1.26 20.10
N PRO B 301 -7.71 0.25 19.98
CA PRO B 301 -7.04 -0.01 18.71
C PRO B 301 -7.98 -0.63 17.67
N VAL B 302 -7.74 -0.26 16.41
CA VAL B 302 -8.52 -0.77 15.28
C VAL B 302 -7.84 -2.03 14.78
N LEU B 303 -8.57 -3.16 14.84
CA LEU B 303 -7.96 -4.46 14.56
C LEU B 303 -7.69 -4.64 13.08
N LYS B 304 -8.72 -4.51 12.24
CA LYS B 304 -8.60 -4.74 10.81
C LYS B 304 -9.04 -3.48 10.06
N GLU B 305 -8.29 -3.13 9.03
CA GLU B 305 -8.54 -1.89 8.29
C GLU B 305 -9.55 -2.11 7.18
N SER B 306 -10.76 -2.51 7.59
CA SER B 306 -11.93 -2.52 6.74
C SER B 306 -12.99 -1.60 7.33
N TYR B 307 -13.71 -2.09 8.34
CA TYR B 307 -14.54 -1.24 9.17
C TYR B 307 -13.72 -0.61 10.28
N TRP B 308 -14.36 0.25 11.07
CA TRP B 308 -13.77 0.73 12.31
C TRP B 308 -14.02 -0.34 13.37
N GLU B 309 -13.21 -1.39 13.32
CA GLU B 309 -13.41 -2.60 14.09
C GLU B 309 -12.53 -2.57 15.33
N VAL B 310 -13.07 -3.05 16.45
CA VAL B 310 -12.37 -3.05 17.73
C VAL B 310 -12.62 -4.40 18.41
N LYS B 311 -11.57 -4.95 19.03
CA LYS B 311 -11.71 -6.22 19.73
C LYS B 311 -12.64 -6.07 20.93
N LEU B 312 -13.52 -7.05 21.10
CA LEU B 312 -14.46 -7.10 22.22
C LEU B 312 -14.10 -8.29 23.09
N ASP B 313 -13.88 -8.02 24.38
CA ASP B 313 -13.41 -9.05 25.31
C ASP B 313 -14.56 -9.81 25.98
N GLU B 314 -15.60 -9.11 26.43
CA GLU B 314 -16.71 -9.77 27.10
C GLU B 314 -17.96 -8.89 26.99
N LEU B 315 -19.12 -9.54 27.03
CA LEU B 315 -20.40 -8.85 26.97
C LEU B 315 -21.32 -9.41 28.04
N TYR B 316 -21.81 -8.54 28.92
CA TYR B 316 -22.64 -8.92 30.05
C TYR B 316 -24.02 -8.28 29.90
N ILE B 317 -25.06 -9.11 29.98
CA ILE B 317 -26.43 -8.63 30.11
C ILE B 317 -26.81 -8.82 31.58
N GLY B 318 -26.79 -7.74 32.35
CA GLY B 318 -26.98 -7.85 33.78
C GLY B 318 -25.82 -8.57 34.44
N LYS B 319 -26.09 -9.72 35.05
CA LYS B 319 -25.05 -10.53 35.67
C LYS B 319 -24.60 -11.70 34.79
N GLU B 320 -25.27 -11.94 33.66
CA GLU B 320 -24.99 -13.09 32.82
C GLU B 320 -24.05 -12.70 31.68
N ARG B 321 -22.99 -13.48 31.51
CA ARG B 321 -22.07 -13.32 30.38
C ARG B 321 -22.60 -14.16 29.22
N ILE B 322 -22.92 -13.50 28.10
CA ILE B 322 -23.61 -14.15 27.01
C ILE B 322 -22.73 -14.37 25.79
N CYS B 323 -21.61 -13.66 25.65
CA CYS B 323 -20.86 -13.66 24.41
C CYS B 323 -19.37 -13.76 24.68
N CYS B 324 -18.60 -13.79 23.58
CA CYS B 324 -17.15 -13.70 23.59
C CYS B 324 -16.50 -14.99 24.09
N ASP B 325 -17.11 -16.13 23.74
CA ASP B 325 -16.41 -17.41 23.84
C ASP B 325 -15.40 -17.57 22.71
N GLU B 326 -15.76 -17.13 21.50
CA GLU B 326 -14.86 -17.06 20.36
C GLU B 326 -14.50 -15.60 20.08
N GLU B 327 -13.62 -15.40 19.10
CA GLU B 327 -13.20 -14.05 18.74
C GLU B 327 -14.36 -13.25 18.18
N SER B 328 -14.55 -12.04 18.69
CA SER B 328 -15.64 -11.16 18.29
C SER B 328 -15.13 -9.72 18.25
N TYR B 329 -15.85 -8.89 17.50
CA TYR B 329 -15.40 -7.52 17.25
C TYR B 329 -16.57 -6.55 17.39
N VAL B 330 -16.23 -5.27 17.52
CA VAL B 330 -17.20 -4.19 17.60
C VAL B 330 -16.93 -3.22 16.46
N ILE B 331 -17.99 -2.86 15.73
CA ILE B 331 -17.91 -1.93 14.60
C ILE B 331 -18.71 -0.68 14.97
N PHE B 332 -18.11 0.49 14.75
CA PHE B 332 -18.76 1.77 15.03
C PHE B 332 -19.32 2.32 13.72
N ASP B 333 -20.61 2.08 13.49
CA ASP B 333 -21.27 2.42 12.23
C ASP B 333 -22.23 3.58 12.46
N THR B 334 -21.87 4.77 11.96
CA THR B 334 -22.76 5.92 12.05
C THR B 334 -23.88 5.89 11.01
N GLY B 335 -23.94 4.85 10.18
CA GLY B 335 -25.02 4.67 9.23
C GLY B 335 -26.01 3.60 9.59
N THR B 336 -25.92 3.02 10.78
CA THR B 336 -26.87 2.04 11.28
C THR B 336 -27.48 2.57 12.57
N SER B 337 -28.81 2.67 12.62
CA SER B 337 -29.47 3.32 13.74
C SER B 337 -29.42 2.46 14.99
N TYR B 338 -29.80 1.20 14.87
CA TYR B 338 -29.83 0.33 16.03
C TYR B 338 -28.45 -0.26 16.30
N ASN B 339 -28.32 -0.88 17.47
CA ASN B 339 -27.20 -1.75 17.77
C ASN B 339 -27.56 -3.18 17.39
N THR B 340 -26.54 -4.02 17.22
CA THR B 340 -26.78 -5.37 16.74
C THR B 340 -26.02 -6.40 17.56
N MET B 341 -26.49 -7.63 17.47
CA MET B 341 -25.86 -8.82 18.01
C MET B 341 -26.08 -9.97 17.03
N PRO B 342 -25.21 -10.97 17.02
CA PRO B 342 -25.44 -12.14 16.18
C PRO B 342 -26.73 -12.85 16.53
N SER B 343 -27.17 -13.72 15.62
CA SER B 343 -28.42 -14.46 15.83
C SER B 343 -28.35 -15.32 17.10
N SER B 344 -27.18 -15.91 17.36
CA SER B 344 -27.05 -16.80 18.53
C SER B 344 -27.25 -16.03 19.83
N GLN B 345 -26.64 -14.85 19.95
CA GLN B 345 -26.79 -14.04 21.15
C GLN B 345 -28.12 -13.28 21.20
N MET B 346 -28.78 -13.09 20.05
CA MET B 346 -30.06 -12.39 20.06
C MET B 346 -31.16 -13.20 20.74
N LYS B 347 -31.05 -14.53 20.73
CA LYS B 347 -32.02 -15.36 21.44
C LYS B 347 -31.92 -15.12 22.94
N THR B 348 -30.71 -15.06 23.48
CA THR B 348 -30.54 -14.77 24.90
C THR B 348 -30.94 -13.33 25.23
N PHE B 349 -30.67 -12.40 24.32
CA PHE B 349 -31.01 -11.00 24.55
C PHE B 349 -32.51 -10.81 24.74
N LEU B 350 -33.31 -11.35 23.83
CA LEU B 350 -34.75 -11.09 23.86
C LEU B 350 -35.46 -11.95 24.89
N ASN B 351 -34.91 -13.11 25.25
CA ASN B 351 -35.48 -13.91 26.33
C ASN B 351 -35.31 -13.23 27.69
N LEU B 352 -34.33 -12.36 27.84
CA LEU B 352 -34.13 -11.60 29.07
C LEU B 352 -34.68 -10.18 29.00
N ILE B 353 -34.70 -9.59 27.81
CA ILE B 353 -35.12 -8.21 27.62
C ILE B 353 -36.28 -8.20 26.65
N HIS B 354 -37.43 -7.68 27.10
CA HIS B 354 -38.67 -7.73 26.34
C HIS B 354 -39.19 -6.32 26.06
N SER B 355 -39.99 -6.22 25.00
CA SER B 355 -40.73 -5.00 24.74
C SER B 355 -41.85 -4.86 25.77
N THR B 356 -42.01 -3.65 26.29
CA THR B 356 -43.01 -3.39 27.31
C THR B 356 -43.76 -2.11 26.99
N ALA B 357 -45.02 -2.06 27.41
CA ALA B 357 -45.79 -0.83 27.29
C ALA B 357 -45.24 0.21 28.26
N CYS B 358 -45.20 1.45 27.80
CA CYS B 358 -44.63 2.53 28.60
C CYS B 358 -45.23 3.85 28.13
N THR B 359 -45.20 4.83 29.01
CA THR B 359 -45.56 6.20 28.69
C THR B 359 -44.35 7.10 28.91
N GLU B 360 -44.46 8.35 28.46
CA GLU B 360 -43.39 9.31 28.71
C GLU B 360 -43.24 9.59 30.19
N GLN B 361 -44.31 9.40 30.97
CA GLN B 361 -44.28 9.68 32.40
C GLN B 361 -43.72 8.51 33.20
N ASN B 362 -44.05 7.27 32.82
CA ASN B 362 -43.66 6.10 33.57
C ASN B 362 -42.42 5.42 33.01
N TYR B 363 -41.70 6.07 32.10
CA TYR B 363 -40.56 5.42 31.45
C TYR B 363 -39.47 5.05 32.45
N LYS B 364 -39.19 5.94 33.41
CA LYS B 364 -38.11 5.69 34.35
C LYS B 364 -38.47 4.58 35.33
N ASP B 365 -39.70 4.58 35.85
CA ASP B 365 -40.09 3.59 36.84
C ASP B 365 -40.27 2.20 36.25
N ILE B 366 -40.72 2.12 34.99
CA ILE B 366 -40.91 0.82 34.36
C ILE B 366 -39.56 0.18 34.04
N LEU B 367 -38.62 0.96 33.51
CA LEU B 367 -37.32 0.43 33.12
C LEU B 367 -36.34 0.31 34.30
N LYS B 368 -36.80 0.56 35.53
CA LYS B 368 -35.91 0.41 36.68
C LYS B 368 -35.45 -1.02 36.87
N SER B 369 -36.27 -1.99 36.48
CA SER B 369 -35.95 -3.40 36.63
C SER B 369 -35.15 -3.97 35.47
N TYR B 370 -34.97 -3.21 34.39
CA TYR B 370 -34.35 -3.76 33.19
C TYR B 370 -32.84 -3.90 33.38
N PRO B 371 -32.21 -4.83 32.65
CA PRO B 371 -30.78 -5.07 32.85
C PRO B 371 -29.94 -3.96 32.27
N ILE B 372 -28.68 -3.92 32.74
CA ILE B 372 -27.66 -3.01 32.22
C ILE B 372 -26.71 -3.82 31.35
N ILE B 373 -26.50 -3.37 30.13
CA ILE B 373 -25.64 -4.06 29.18
C ILE B 373 -24.23 -3.47 29.29
N LYS B 374 -23.25 -4.33 29.55
CA LYS B 374 -21.87 -3.91 29.79
C LYS B 374 -20.98 -4.48 28.69
N TYR B 375 -20.28 -3.59 27.99
CA TYR B 375 -19.27 -3.98 27.01
C TYR B 375 -17.90 -3.87 27.65
N VAL B 376 -17.11 -4.93 27.54
CA VAL B 376 -15.79 -5.00 28.16
C VAL B 376 -14.73 -4.88 27.07
N PHE B 377 -13.97 -3.80 27.10
CA PHE B 377 -12.85 -3.55 26.18
C PHE B 377 -11.57 -3.49 27.01
N GLY B 378 -11.02 -4.67 27.32
CA GLY B 378 -9.83 -4.74 28.14
C GLY B 378 -10.05 -4.25 29.56
N GLU B 379 -9.51 -3.08 29.88
CA GLU B 379 -9.73 -2.45 31.18
C GLU B 379 -10.86 -1.43 31.17
N LEU B 380 -11.36 -1.06 29.99
CA LEU B 380 -12.46 -0.11 29.87
C LEU B 380 -13.78 -0.86 29.87
N ILE B 381 -14.74 -0.37 30.66
CA ILE B 381 -16.08 -0.95 30.70
C ILE B 381 -17.06 0.14 30.28
N ILE B 382 -17.84 -0.14 29.23
CA ILE B 382 -18.89 0.74 28.75
C ILE B 382 -20.23 0.11 29.11
N GLU B 383 -21.10 0.89 29.74
CA GLU B 383 -22.42 0.42 30.17
C GLU B 383 -23.51 1.22 29.47
N LEU B 384 -24.54 0.51 29.01
CA LEU B 384 -25.72 1.12 28.42
C LEU B 384 -26.90 0.86 29.35
N HIS B 385 -27.31 1.89 30.07
CA HIS B 385 -28.41 1.78 31.02
C HIS B 385 -29.74 1.63 30.27
N PRO B 386 -30.78 1.10 30.94
CA PRO B 386 -32.03 0.81 30.23
C PRO B 386 -32.64 2.01 29.52
N GLU B 387 -32.56 3.20 30.10
CA GLU B 387 -33.06 4.38 29.41
C GLU B 387 -32.24 4.77 28.19
N GLU B 388 -31.09 4.12 27.96
CA GLU B 388 -30.23 4.46 26.84
C GLU B 388 -30.42 3.55 25.62
N TYR B 389 -30.86 2.31 25.80
CA TYR B 389 -31.06 1.41 24.68
C TYR B 389 -32.54 1.06 24.45
N MET B 390 -33.45 1.67 25.19
CA MET B 390 -34.88 1.51 24.98
C MET B 390 -35.45 2.76 24.33
N ILE B 391 -36.21 2.57 23.26
CA ILE B 391 -36.78 3.70 22.52
C ILE B 391 -38.30 3.65 22.65
N LEU B 392 -38.89 4.84 22.76
CA LEU B 392 -40.33 4.99 22.93
C LEU B 392 -40.96 5.36 21.59
N ASN B 393 -41.88 4.53 21.12
CA ASN B 393 -42.69 4.82 19.94
C ASN B 393 -44.14 4.55 20.30
N ASP B 394 -44.98 5.58 20.23
CA ASP B 394 -46.36 5.52 20.71
C ASP B 394 -46.41 5.15 22.19
N ASP B 395 -46.88 3.95 22.51
CA ASP B 395 -47.03 3.53 23.90
C ASP B 395 -46.20 2.30 24.23
N VAL B 396 -45.19 1.97 23.43
CA VAL B 396 -44.39 0.77 23.66
C VAL B 396 -42.91 1.16 23.69
N CYS B 397 -42.17 0.55 24.62
CA CYS B 397 -40.73 0.68 24.69
C CYS B 397 -40.10 -0.59 24.14
N MET B 398 -39.34 -0.46 23.07
CA MET B 398 -38.76 -1.63 22.42
C MET B 398 -37.25 -1.57 22.47
N PRO B 399 -36.58 -2.72 22.54
CA PRO B 399 -35.10 -2.71 22.53
C PRO B 399 -34.58 -2.22 21.19
N ALA B 400 -33.72 -1.20 21.25
CA ALA B 400 -33.11 -0.64 20.05
C ALA B 400 -31.99 -1.54 19.56
N TYR B 401 -32.29 -2.82 19.35
CA TYR B 401 -31.32 -3.80 18.94
C TYR B 401 -31.86 -4.59 17.75
N MET B 402 -30.93 -5.03 16.89
CA MET B 402 -31.25 -5.76 15.68
C MET B 402 -30.38 -7.00 15.60
N GLN B 403 -30.87 -8.00 14.87
CA GLN B 403 -30.07 -9.17 14.53
C GLN B 403 -29.61 -9.05 13.08
N ILE B 404 -28.35 -8.65 12.89
CA ILE B 404 -27.71 -8.68 11.58
C ILE B 404 -26.46 -9.55 11.68
N ASP B 405 -26.36 -10.54 10.79
CA ASP B 405 -25.19 -11.40 10.72
C ASP B 405 -24.26 -10.82 9.65
N VAL B 406 -23.13 -10.27 10.08
CA VAL B 406 -22.20 -9.60 9.19
C VAL B 406 -21.49 -10.64 8.34
N PRO B 407 -21.73 -10.68 7.03
CA PRO B 407 -21.08 -11.68 6.18
C PRO B 407 -19.72 -11.27 5.66
N SER B 408 -19.30 -10.01 5.89
CA SER B 408 -17.98 -9.58 5.47
C SER B 408 -16.88 -10.44 6.10
N GLU B 409 -17.04 -10.74 7.38
CA GLU B 409 -16.17 -11.68 8.10
C GLU B 409 -17.03 -12.75 8.73
N ARG B 410 -16.68 -14.02 8.45
CA ARG B 410 -17.44 -15.15 9.00
C ARG B 410 -17.59 -15.04 10.51
N ASN B 411 -16.56 -14.54 11.20
CA ASN B 411 -16.67 -14.25 12.63
C ASN B 411 -17.80 -13.27 12.89
N HIS B 412 -18.75 -13.69 13.72
CA HIS B 412 -19.90 -12.84 14.03
C HIS B 412 -19.46 -11.68 14.92
N ALA B 413 -20.03 -10.50 14.66
CA ALA B 413 -19.58 -9.25 15.26
C ALA B 413 -20.78 -8.46 15.80
N TYR B 414 -20.48 -7.34 16.43
CA TYR B 414 -21.48 -6.47 17.06
C TYR B 414 -21.34 -5.04 16.56
N LEU B 415 -22.47 -4.43 16.21
CA LEU B 415 -22.50 -3.05 15.71
C LEU B 415 -23.00 -2.13 16.82
N LEU B 416 -22.29 -1.02 17.04
CA LEU B 416 -22.75 0.06 17.89
C LEU B 416 -23.19 1.21 17.00
N GLY B 417 -24.46 1.58 17.08
CA GLY B 417 -25.06 2.52 16.15
C GLY B 417 -25.17 3.93 16.71
N SER B 418 -25.93 4.75 15.99
CA SER B 418 -26.07 6.16 16.33
C SER B 418 -27.16 6.40 17.38
N LEU B 419 -28.29 5.69 17.28
CA LEU B 419 -29.42 5.98 18.15
C LEU B 419 -29.14 5.55 19.60
N SER B 420 -28.57 4.37 19.78
CA SER B 420 -28.39 3.84 21.12
C SER B 420 -27.04 4.22 21.73
N PHE B 421 -25.95 3.94 21.01
CA PHE B 421 -24.62 4.17 21.56
C PHE B 421 -24.17 5.61 21.40
N MET B 422 -24.18 6.12 20.16
CA MET B 422 -23.59 7.42 19.90
C MET B 422 -24.43 8.57 20.46
N ARG B 423 -25.71 8.33 20.72
CA ARG B 423 -26.53 9.36 21.36
C ARG B 423 -26.02 9.67 22.76
N ASN B 424 -25.39 8.70 23.41
CA ASN B 424 -24.88 8.86 24.77
C ASN B 424 -23.37 8.92 24.86
N PHE B 425 -22.64 8.48 23.84
CA PHE B 425 -21.19 8.46 23.89
C PHE B 425 -20.58 9.26 22.75
N PHE B 426 -19.57 10.06 23.08
CA PHE B 426 -18.82 10.83 22.09
C PHE B 426 -17.74 9.96 21.48
N THR B 427 -17.83 9.73 20.17
CA THR B 427 -16.94 8.81 19.49
C THR B 427 -15.90 9.57 18.68
N VAL B 428 -14.64 9.14 18.81
CA VAL B 428 -13.52 9.75 18.10
C VAL B 428 -12.94 8.71 17.17
N PHE B 429 -12.81 9.06 15.89
CA PHE B 429 -12.24 8.17 14.87
C PHE B 429 -10.88 8.74 14.49
N VAL B 430 -9.82 8.17 15.04
CA VAL B 430 -8.46 8.63 14.79
C VAL B 430 -7.82 7.73 13.74
N ARG B 431 -7.55 8.29 12.55
CA ARG B 431 -6.88 7.55 11.50
C ARG B 431 -5.40 7.40 11.82
N GLY B 432 -4.87 6.20 11.59
CA GLY B 432 -3.46 5.96 11.80
C GLY B 432 -2.61 6.47 10.66
N THR B 433 -1.38 6.88 10.98
CA THR B 433 -0.41 7.33 9.99
C THR B 433 0.87 6.53 10.16
N GLU B 434 1.99 7.09 9.70
CA GLU B 434 3.28 6.45 9.92
C GLU B 434 3.77 6.59 11.36
N SER B 435 3.19 7.51 12.14
CA SER B 435 3.63 7.77 13.50
C SER B 435 2.65 7.32 14.57
N ARG B 436 1.41 7.01 14.22
CA ARG B 436 0.39 6.61 15.19
C ARG B 436 -0.48 5.54 14.58
N PRO B 437 -1.04 4.64 15.40
CA PRO B 437 -1.98 3.64 14.88
C PRO B 437 -3.39 4.19 14.78
N SER B 438 -4.22 3.48 14.03
CA SER B 438 -5.64 3.83 13.94
C SER B 438 -6.33 3.43 15.24
N MET B 439 -7.09 4.36 15.81
CA MET B 439 -7.74 4.14 17.09
C MET B 439 -9.12 4.76 17.09
N VAL B 440 -10.02 4.16 17.86
CA VAL B 440 -11.34 4.71 18.17
C VAL B 440 -11.32 5.14 19.62
N GLY B 441 -11.75 6.36 19.89
CA GLY B 441 -11.85 6.88 21.25
C GLY B 441 -13.30 7.14 21.60
N VAL B 442 -13.68 6.75 22.82
CA VAL B 442 -15.04 6.89 23.32
C VAL B 442 -15.03 7.70 24.60
N ALA B 443 -16.04 8.55 24.77
CA ALA B 443 -16.21 9.34 25.98
C ALA B 443 -17.70 9.58 26.21
N ARG B 444 -18.03 10.06 27.39
CA ARG B 444 -19.42 10.34 27.74
C ARG B 444 -19.85 11.64 27.06
N ALA B 445 -21.02 11.61 26.42
CA ALA B 445 -21.50 12.78 25.70
C ALA B 445 -21.96 13.87 26.67
N LYS B 446 -21.71 15.12 26.29
CA LYS B 446 -22.13 16.28 27.08
C LYS B 446 -23.39 16.92 26.49
C15 TWU C . 22.58 0.34 -7.35
C19 TWU C . 23.50 4.32 -10.12
C23 TWU C . 23.34 2.08 -13.83
C24 TWU C . 22.77 3.00 -14.69
C26 TWU C . 24.55 2.81 -16.12
C32 TWU C . 22.02 2.06 -10.33
C01 TWU C . 26.89 -0.41 -3.26
C02 TWU C . 26.47 -0.17 -4.70
C03 TWU C . 25.08 0.46 -4.82
C04 TWU C . 24.81 0.73 -6.31
C05 TWU C . 25.90 1.60 -6.95
C06 TWU C . 27.28 1.02 -6.64
C09 TWU C . 23.01 2.46 -6.19
C11 TWU C . 21.61 2.90 -6.57
C12 TWU C . 21.15 2.28 -7.88
C13 TWU C . 19.64 2.47 -8.14
C17 TWU C . 21.98 2.73 -9.12
C18 TWU C . 22.75 3.89 -9.04
C20 TWU C . 23.52 3.62 -11.30
C21 TWU C . 22.77 2.46 -11.43
C28 TWU C . 24.57 1.58 -14.19
C29 TWU C . 25.24 3.19 -17.36
C30 TWU C . 25.11 4.64 -17.78
C31 TWU C . 26.41 4.14 -17.23
N08 TWU C . 23.42 1.20 -6.63
N14 TWU C . 21.33 0.86 -7.62
N16 TWU C . 22.98 -0.80 -7.73
N22 TWU C . 22.72 1.71 -12.60
N25 TWU C . 23.36 3.34 -15.83
N27 TWU C . 25.16 1.93 -15.33
O07 TWU C . 27.44 0.75 -5.24
O10 TWU C . 23.73 3.21 -5.56
CL33 TWU C . 21.05 0.52 -10.62
C15 TWU D . -23.63 0.71 5.87
C19 TWU D . -28.25 0.06 4.41
C23 TWU D . -29.64 3.53 6.54
C24 TWU D . -30.54 4.21 5.75
C26 TWU D . -32.18 3.99 7.32
C32 TWU D . -26.58 2.14 4.88
C01 TWU D . -21.49 -4.12 8.67
C02 TWU D . -22.61 -3.10 8.50
C03 TWU D . -22.61 -2.47 7.10
C04 TWU D . -23.80 -1.49 7.02
C05 TWU D . -25.13 -2.19 7.36
C06 TWU D . -25.02 -2.98 8.68
C09 TWU D . -24.09 -1.30 4.56
C11 TWU D . -24.14 -0.44 3.31
C12 TWU D . -24.62 0.99 3.62
C13 TWU D . -24.41 1.97 2.45
C17 TWU D . -26.08 1.06 4.15
C18 TWU D . -26.95 0.01 3.92
C20 TWU D . -28.71 1.14 5.11
C21 TWU D . -27.87 2.23 5.38
C28 TWU D . -30.11 3.12 7.78
C29 TWU D . -33.58 4.24 7.72
C30 TWU D . -34.04 3.61 9.03
C31 TWU D . -34.58 3.10 7.72
N08 TWU D . -23.84 -0.67 5.77
N14 TWU D . -23.70 1.39 4.68
N16 TWU D . -23.41 1.24 7.00
N22 TWU D . -28.30 3.32 6.11
N25 TWU D . -31.79 4.42 6.13
N27 TWU D . -31.37 3.32 8.15
O07 TWU D . -23.85 -3.83 8.68
O10 TWU D . -24.28 -2.50 4.45
CL33 TWU D . -25.53 3.62 5.27
#